data_2CKR
#
_entry.id   2CKR
#
_cell.length_a   49.365
_cell.length_b   70.850
_cell.length_c   76.278
_cell.angle_alpha   90.00
_cell.angle_beta   93.86
_cell.angle_gamma   90.00
#
_symmetry.space_group_name_H-M   'P 1 21 1'
#
loop_
_entity.id
_entity.type
_entity.pdbx_description
1 polymer 'ENDOGLUCANASE E-5'
2 branched beta-D-glucopyranose-(1-4)-beta-D-glucopyranose-(1-4)-beta-D-glucopyranose-(1-4)-beta-D-glucopyranose-(1-4)-beta-D-glucopyranose
3 non-polymer 'TETRAETHYLENE GLYCOL'
4 non-polymer BENZAMIDINE
5 non-polymer 'ZINC ION'
6 non-polymer 'SODIUM ION'
7 water water
#
_entity_poly.entity_id   1
_entity_poly.type   'polypeptide(L)'
_entity_poly.pdbx_seq_one_letter_code
;TGTPVERYGKVQVCGTQLCDEHGNPVQLRGMSTHGIQWFDHCLTDSSLDALAYDWKADIIRLSMYIQEDGYETNPRGFTD
RMHQLIDMATARGLYVIVDWHILTPGDPHYNLDRAKTFFAEIAQRHASKTNVLYEIANEPNGVSWASIKSYAEEVIPVIR
QRDPDSVIIVGTRGWSSLGVSEGSGPAEIAANPVNASNIMYAFHFYAASHRDNYLNALREASELFPVFVTQFGTETYTGD
GANDFQMADRYIDLMAERKIGWTKWNYSDDFRSGAVFQPGTCASGGPWSGSSLKASGQWVRSKLQS
;
_entity_poly.pdbx_strand_id   A,B
#
loop_
_chem_comp.id
_chem_comp.type
_chem_comp.name
_chem_comp.formula
BEN non-polymer BENZAMIDINE 'C7 H8 N2'
BGC D-saccharide, beta linking beta-D-glucopyranose 'C6 H12 O6'
NA non-polymer 'SODIUM ION' 'Na 1'
PG4 non-polymer 'TETRAETHYLENE GLYCOL' 'C8 H18 O5'
ZN non-polymer 'ZINC ION' 'Zn 2'
#
# COMPACT_ATOMS: atom_id res chain seq x y z
N GLY A 2 16.26 28.43 29.52
CA GLY A 2 15.55 27.36 30.26
C GLY A 2 15.41 26.08 29.44
N THR A 3 15.00 24.99 30.10
CA THR A 3 14.72 23.73 29.39
C THR A 3 13.40 23.86 28.64
N PRO A 4 13.12 22.95 27.70
CA PRO A 4 11.80 22.93 27.04
C PRO A 4 10.64 22.96 28.05
N VAL A 5 10.69 22.15 29.10
CA VAL A 5 9.58 22.09 30.06
C VAL A 5 9.44 23.44 30.79
N GLU A 6 10.57 24.08 31.06
CA GLU A 6 10.53 25.39 31.73
C GLU A 6 9.98 26.49 30.84
N ARG A 7 10.24 26.38 29.54
CA ARG A 7 9.82 27.41 28.61
C ARG A 7 8.35 27.30 28.17
N TYR A 8 7.82 26.08 28.07
CA TYR A 8 6.44 25.88 27.62
C TYR A 8 5.47 25.46 28.72
N GLY A 9 5.99 24.88 29.80
CA GLY A 9 5.17 24.51 30.94
C GLY A 9 4.14 23.43 30.64
N LYS A 10 2.95 23.62 31.18
CA LYS A 10 1.84 22.65 31.11
C LYS A 10 1.11 22.73 29.76
N VAL A 11 1.63 21.99 28.79
CA VAL A 11 1.08 21.99 27.43
C VAL A 11 -0.34 21.40 27.43
N GLN A 12 -1.21 21.98 26.59
N GLN A 12 -1.18 21.94 26.55
CA GLN A 12 -2.58 21.53 26.40
CA GLN A 12 -2.55 21.46 26.37
C GLN A 12 -3.00 21.77 24.95
C GLN A 12 -3.04 21.81 24.97
N VAL A 13 -3.98 21.04 24.45
CA VAL A 13 -4.56 21.33 23.14
C VAL A 13 -5.36 22.62 23.24
N CYS A 14 -5.18 23.50 22.25
CA CYS A 14 -6.03 24.68 22.12
C CYS A 14 -6.46 24.73 20.67
N GLY A 15 -7.75 24.58 20.42
CA GLY A 15 -8.26 24.49 19.06
C GLY A 15 -7.76 23.22 18.42
N THR A 16 -7.02 23.33 17.32
CA THR A 16 -6.51 22.16 16.59
C THR A 16 -5.00 22.00 16.69
N GLN A 17 -4.39 22.65 17.68
CA GLN A 17 -2.94 22.64 17.86
C GLN A 17 -2.58 22.38 19.32
N LEU A 18 -1.40 21.81 19.56
CA LEU A 18 -0.82 21.77 20.91
C LEU A 18 -0.23 23.13 21.24
N CYS A 19 -0.53 23.65 22.43
CA CYS A 19 -0.09 24.99 22.85
C CYS A 19 0.64 24.95 24.19
N ASP A 20 1.47 25.96 24.45
CA ASP A 20 2.12 26.11 25.74
C ASP A 20 1.08 26.61 26.77
N GLU A 21 1.51 26.82 28.00
CA GLU A 21 0.58 27.14 29.09
C GLU A 21 0.00 28.57 29.03
N HIS A 22 0.40 29.35 28.03
CA HIS A 22 -0.16 30.69 27.80
C HIS A 22 -0.88 30.86 26.45
N GLY A 23 -1.25 29.76 25.80
CA GLY A 23 -2.03 29.81 24.59
C GLY A 23 -1.28 29.88 23.26
N ASN A 24 0.04 29.99 23.29
CA ASN A 24 0.86 30.02 22.07
C ASN A 24 1.07 28.61 21.51
N PRO A 25 0.70 28.36 20.25
CA PRO A 25 1.02 27.08 19.61
C PRO A 25 2.50 26.76 19.67
N VAL A 26 2.81 25.50 19.96
CA VAL A 26 4.17 25.05 20.15
C VAL A 26 4.40 23.77 19.35
N GLN A 27 5.56 23.68 18.70
CA GLN A 27 5.98 22.47 18.01
C GLN A 27 7.05 21.77 18.84
N LEU A 28 6.74 20.59 19.41
CA LEU A 28 7.70 19.79 20.17
C LEU A 28 8.33 18.77 19.23
N ARG A 29 9.64 18.83 19.08
CA ARG A 29 10.37 17.95 18.18
C ARG A 29 11.39 17.14 18.97
N GLY A 30 11.52 15.86 18.64
CA GLY A 30 12.42 15.02 19.39
C GLY A 30 12.61 13.65 18.78
N MET A 31 12.85 12.69 19.66
CA MET A 31 13.21 11.33 19.28
C MET A 31 12.36 10.32 20.01
N SER A 32 12.07 9.22 19.33
CA SER A 32 11.48 8.04 19.92
C SER A 32 12.58 7.02 20.22
N THR A 33 12.53 6.39 21.38
CA THR A 33 13.36 5.20 21.63
C THR A 33 12.85 4.08 20.73
N HIS A 34 13.67 3.06 20.55
CA HIS A 34 13.22 1.80 19.98
C HIS A 34 12.58 1.05 21.17
N GLY A 35 12.05 -0.14 20.94
CA GLY A 35 11.51 -0.94 22.04
C GLY A 35 12.48 -1.15 23.19
N ILE A 36 12.06 -0.83 24.42
CA ILE A 36 12.97 -0.94 25.57
C ILE A 36 13.31 -2.39 25.96
N GLN A 37 12.55 -3.37 25.47
CA GLN A 37 12.90 -4.77 25.69
C GLN A 37 14.13 -5.21 24.88
N TRP A 38 14.45 -4.46 23.83
CA TRP A 38 15.63 -4.73 23.00
C TRP A 38 16.76 -3.73 23.17
N PHE A 39 16.44 -2.45 23.42
CA PHE A 39 17.43 -1.38 23.36
C PHE A 39 17.49 -0.54 24.63
N ASP A 40 17.22 -1.17 25.75
CA ASP A 40 17.28 -0.52 27.05
C ASP A 40 18.69 -0.04 27.37
N HIS A 41 19.68 -0.80 26.90
CA HIS A 41 21.08 -0.46 27.08
C HIS A 41 21.50 0.82 26.33
N CYS A 42 20.66 1.29 25.42
CA CYS A 42 20.91 2.57 24.74
C CYS A 42 20.47 3.78 25.52
N LEU A 43 19.74 3.57 26.62
CA LEU A 43 19.12 4.65 27.37
C LEU A 43 19.81 4.77 28.71
N THR A 44 20.81 5.64 28.77
CA THR A 44 21.63 5.83 29.95
C THR A 44 21.69 7.31 30.32
N ASP A 45 22.27 7.60 31.48
N ASP A 45 22.27 7.56 31.49
CA ASP A 45 22.51 8.98 31.86
CA ASP A 45 22.59 8.92 31.92
C ASP A 45 23.22 9.70 30.71
C ASP A 45 23.25 9.70 30.78
N SER A 46 24.29 9.10 30.20
CA SER A 46 25.06 9.70 29.13
C SER A 46 24.27 9.97 27.81
N SER A 47 23.54 8.98 27.30
CA SER A 47 22.82 9.18 26.02
C SER A 47 21.65 10.15 26.16
N LEU A 48 21.00 10.14 27.32
CA LEU A 48 19.86 11.01 27.56
C LEU A 48 20.30 12.45 27.80
N ASP A 49 21.43 12.63 28.48
CA ASP A 49 22.05 13.94 28.64
C ASP A 49 22.36 14.50 27.26
N ALA A 50 22.92 13.67 26.38
CA ALA A 50 23.24 14.10 25.03
C ALA A 50 21.98 14.54 24.28
N LEU A 51 20.90 13.76 24.38
CA LEU A 51 19.67 14.09 23.67
C LEU A 51 19.12 15.45 24.11
N ALA A 52 19.18 15.72 25.42
CA ALA A 52 18.60 16.93 26.00
C ALA A 52 19.49 18.15 25.78
N TYR A 53 20.75 18.04 26.17
CA TYR A 53 21.64 19.20 26.23
C TYR A 53 22.42 19.48 24.94
N ASP A 54 22.72 18.44 24.16
CA ASP A 54 23.48 18.57 22.92
C ASP A 54 22.58 18.59 21.67
N TRP A 55 21.67 17.64 21.57
CA TRP A 55 20.76 17.55 20.42
C TRP A 55 19.66 18.62 20.51
N LYS A 56 19.38 19.10 21.71
CA LYS A 56 18.31 20.09 21.98
C LYS A 56 16.92 19.57 21.62
N ALA A 57 16.68 18.29 21.87
CA ALA A 57 15.32 17.75 21.74
C ALA A 57 14.40 18.36 22.79
N ASP A 58 13.12 18.47 22.43
CA ASP A 58 12.07 18.97 23.31
C ASP A 58 11.38 17.82 24.06
N ILE A 59 11.44 16.64 23.47
CA ILE A 59 10.52 15.58 23.81
C ILE A 59 11.18 14.24 23.49
N ILE A 60 10.88 13.23 24.31
CA ILE A 60 11.30 11.86 24.09
C ILE A 60 10.08 10.96 24.20
N ARG A 61 9.96 10.02 23.27
CA ARG A 61 8.89 9.04 23.33
C ARG A 61 9.49 7.72 23.79
N LEU A 62 8.88 7.14 24.82
CA LEU A 62 9.35 5.91 25.45
C LEU A 62 8.51 4.76 24.93
N SER A 63 9.07 3.99 24.00
CA SER A 63 8.34 2.96 23.29
C SER A 63 8.43 1.63 24.04
N MET A 64 7.32 1.21 24.63
CA MET A 64 7.22 -0.05 25.35
C MET A 64 6.36 -1.05 24.56
N TYR A 65 7.00 -1.99 23.87
CA TYR A 65 6.28 -3.06 23.21
C TYR A 65 5.55 -3.90 24.28
N ILE A 66 4.41 -4.49 23.92
CA ILE A 66 3.63 -5.31 24.84
C ILE A 66 3.90 -6.79 24.56
N GLN A 67 3.75 -7.18 23.31
CA GLN A 67 4.18 -8.49 22.84
C GLN A 67 5.64 -8.37 22.42
N GLU A 68 6.17 -9.35 21.67
CA GLU A 68 7.53 -9.31 21.14
C GLU A 68 8.54 -9.17 22.31
N ASP A 69 8.31 -9.97 23.35
CA ASP A 69 9.14 -10.03 24.56
C ASP A 69 9.13 -8.76 25.42
N GLY A 70 8.09 -7.95 25.25
CA GLY A 70 7.93 -6.73 26.01
C GLY A 70 7.16 -6.91 27.30
N TYR A 71 6.28 -5.94 27.58
CA TYR A 71 5.58 -5.79 28.85
C TYR A 71 4.95 -7.09 29.37
N GLU A 72 4.28 -7.85 28.49
CA GLU A 72 3.57 -9.06 28.94
C GLU A 72 4.46 -10.06 29.68
N THR A 73 5.77 -10.04 29.38
CA THR A 73 6.73 -10.98 29.98
C THR A 73 7.12 -10.63 31.42
N ASN A 74 6.99 -9.36 31.79
CA ASN A 74 7.33 -8.90 33.14
C ASN A 74 6.68 -7.55 33.45
N PRO A 75 5.37 -7.54 33.70
CA PRO A 75 4.66 -6.28 33.95
C PRO A 75 5.30 -5.40 35.04
N ARG A 76 5.66 -5.98 36.17
CA ARG A 76 6.29 -5.25 37.25
C ARG A 76 7.61 -4.59 36.83
N GLY A 77 8.46 -5.35 36.15
CA GLY A 77 9.79 -4.86 35.81
C GLY A 77 9.76 -3.73 34.79
N PHE A 78 8.93 -3.91 33.77
CA PHE A 78 8.76 -2.90 32.72
C PHE A 78 8.13 -1.62 33.30
N THR A 79 7.14 -1.79 34.17
CA THR A 79 6.49 -0.62 34.79
C THR A 79 7.50 0.19 35.62
N ASP A 80 8.29 -0.49 36.44
CA ASP A 80 9.32 0.17 37.24
C ASP A 80 10.36 0.90 36.40
N ARG A 81 10.78 0.29 35.28
CA ARG A 81 11.73 0.94 34.38
C ARG A 81 11.09 2.17 33.70
N MET A 82 9.80 2.10 33.39
N MET A 82 9.79 2.10 33.40
CA MET A 82 9.11 3.24 32.80
CA MET A 82 9.08 3.23 32.83
C MET A 82 9.03 4.40 33.81
C MET A 82 9.02 4.40 33.81
N HIS A 83 8.76 4.11 35.09
CA HIS A 83 8.74 5.17 36.13
C HIS A 83 10.12 5.84 36.19
N GLN A 84 11.16 5.02 36.11
CA GLN A 84 12.52 5.53 36.17
C GLN A 84 12.83 6.40 34.98
N LEU A 85 12.39 6.00 33.78
CA LEU A 85 12.67 6.76 32.58
C LEU A 85 11.87 8.05 32.52
N ILE A 86 10.64 8.03 33.03
CA ILE A 86 9.83 9.24 33.09
C ILE A 86 10.53 10.26 34.01
N ASP A 87 11.00 9.80 35.16
CA ASP A 87 11.74 10.67 36.10
C ASP A 87 13.05 11.21 35.50
N MET A 88 13.76 10.37 34.75
CA MET A 88 15.03 10.77 34.12
C MET A 88 14.80 11.83 33.05
N ALA A 89 13.77 11.65 32.24
CA ALA A 89 13.44 12.63 31.22
C ALA A 89 13.04 13.95 31.84
N THR A 90 12.24 13.88 32.90
CA THR A 90 11.83 15.08 33.64
C THR A 90 13.03 15.83 34.22
N ALA A 91 14.00 15.08 34.75
CA ALA A 91 15.21 15.65 35.33
C ALA A 91 16.16 16.26 34.28
N ARG A 92 15.90 16.02 33.00
CA ARG A 92 16.65 16.67 31.93
C ARG A 92 15.82 17.69 31.15
N GLY A 93 14.64 17.99 31.66
CA GLY A 93 13.80 19.06 31.13
C GLY A 93 13.06 18.71 29.85
N LEU A 94 12.78 17.41 29.65
CA LEU A 94 12.12 16.94 28.44
C LEU A 94 10.68 16.60 28.69
N TYR A 95 9.82 16.90 27.72
CA TYR A 95 8.52 16.29 27.63
C TYR A 95 8.68 14.81 27.32
N VAL A 96 7.72 14.02 27.77
CA VAL A 96 7.80 12.58 27.63
C VAL A 96 6.47 12.05 27.13
N ILE A 97 6.53 11.23 26.09
CA ILE A 97 5.38 10.44 25.62
C ILE A 97 5.51 8.99 26.11
N VAL A 98 4.53 8.54 26.87
CA VAL A 98 4.50 7.15 27.32
C VAL A 98 3.73 6.35 26.29
N ASP A 99 4.45 5.50 25.56
CA ASP A 99 3.95 4.83 24.35
C ASP A 99 3.65 3.35 24.60
N TRP A 100 2.35 3.05 24.63
CA TRP A 100 1.82 1.69 24.67
C TRP A 100 1.93 1.11 23.26
N HIS A 101 3.00 0.36 23.01
CA HIS A 101 3.45 0.10 21.66
C HIS A 101 2.92 -1.22 21.08
N ILE A 102 1.62 -1.26 20.83
CA ILE A 102 0.98 -2.40 20.18
C ILE A 102 1.27 -2.36 18.69
N LEU A 103 1.36 -3.54 18.08
CA LEU A 103 1.65 -3.67 16.66
C LEU A 103 1.07 -4.98 16.12
N THR A 104 1.49 -6.09 16.75
CA THR A 104 0.97 -7.43 16.46
C THR A 104 0.76 -8.20 17.77
N PRO A 105 -0.47 -8.54 18.14
CA PRO A 105 -1.71 -8.24 17.40
C PRO A 105 -2.03 -6.75 17.26
N GLY A 106 -2.76 -6.41 16.19
CA GLY A 106 -3.01 -5.03 15.81
C GLY A 106 -4.32 -4.45 16.30
N ASP A 107 -5.18 -5.27 16.89
CA ASP A 107 -6.41 -4.78 17.54
C ASP A 107 -6.04 -4.33 18.94
N PRO A 108 -6.17 -3.05 19.27
CA PRO A 108 -5.82 -2.56 20.61
C PRO A 108 -6.59 -3.27 21.75
N HIS A 109 -7.82 -3.72 21.49
CA HIS A 109 -8.58 -4.40 22.54
C HIS A 109 -7.92 -5.68 23.04
N TYR A 110 -7.07 -6.29 22.23
CA TYR A 110 -6.27 -7.44 22.66
C TYR A 110 -5.48 -7.14 23.95
N ASN A 111 -5.04 -5.89 24.10
CA ASN A 111 -4.23 -5.50 25.25
C ASN A 111 -4.92 -4.54 26.22
N LEU A 112 -6.24 -4.43 26.14
CA LEU A 112 -7.00 -3.48 26.96
C LEU A 112 -6.85 -3.67 28.48
N ASP A 113 -7.06 -4.89 28.96
CA ASP A 113 -7.01 -5.14 30.42
C ASP A 113 -5.65 -4.76 31.00
N ARG A 114 -4.58 -5.12 30.30
CA ARG A 114 -3.22 -4.73 30.67
C ARG A 114 -3.03 -3.24 30.59
N ALA A 115 -3.58 -2.62 29.55
CA ALA A 115 -3.42 -1.19 29.36
C ALA A 115 -4.02 -0.40 30.53
N LYS A 116 -5.18 -0.85 31.02
CA LYS A 116 -5.85 -0.16 32.12
C LYS A 116 -5.05 -0.26 33.41
N THR A 117 -4.48 -1.43 33.65
CA THR A 117 -3.61 -1.62 34.79
C THR A 117 -2.38 -0.73 34.70
N PHE A 118 -1.69 -0.76 33.56
CA PHE A 118 -0.46 0.00 33.39
C PHE A 118 -0.73 1.50 33.51
N PHE A 119 -1.70 1.99 32.75
CA PHE A 119 -1.96 3.43 32.72
C PHE A 119 -2.50 3.94 34.07
N ALA A 120 -3.24 3.13 34.80
CA ALA A 120 -3.69 3.53 36.13
C ALA A 120 -2.49 3.77 37.04
N GLU A 121 -1.49 2.89 36.99
CA GLU A 121 -0.30 3.05 37.82
C GLU A 121 0.50 4.28 37.39
N ILE A 122 0.67 4.47 36.09
CA ILE A 122 1.48 5.56 35.57
C ILE A 122 0.81 6.90 35.88
N ALA A 123 -0.49 6.98 35.64
CA ALA A 123 -1.21 8.24 35.85
C ALA A 123 -1.27 8.65 37.33
N GLN A 124 -1.42 7.68 38.23
N GLN A 124 -1.41 7.67 38.23
CA GLN A 124 -1.47 8.01 39.66
CA GLN A 124 -1.47 7.96 39.66
C GLN A 124 -0.11 8.51 40.13
C GLN A 124 -0.12 8.46 40.18
N ARG A 125 0.95 7.80 39.76
CA ARG A 125 2.31 8.15 40.18
C ARG A 125 2.75 9.51 39.67
N HIS A 126 2.41 9.84 38.42
CA HIS A 126 2.94 11.04 37.75
C HIS A 126 1.91 12.14 37.55
N ALA A 127 0.81 12.06 38.28
CA ALA A 127 -0.30 13.04 38.17
C ALA A 127 0.13 14.50 38.35
N SER A 128 1.06 14.76 39.27
CA SER A 128 1.53 16.13 39.55
C SER A 128 2.46 16.72 38.47
N LYS A 129 3.04 15.87 37.64
CA LYS A 129 3.89 16.32 36.53
C LYS A 129 3.04 17.00 35.46
N THR A 130 3.61 17.97 34.77
CA THR A 130 2.95 18.71 33.68
C THR A 130 3.52 18.40 32.27
N ASN A 131 4.48 17.48 32.22
CA ASN A 131 5.28 17.22 31.02
C ASN A 131 5.09 15.84 30.41
N VAL A 132 4.15 15.08 30.94
CA VAL A 132 3.86 13.72 30.48
C VAL A 132 2.59 13.66 29.62
N LEU A 133 2.74 13.07 28.42
CA LEU A 133 1.66 12.78 27.49
C LEU A 133 1.55 11.25 27.36
N TYR A 134 0.34 10.76 27.12
CA TYR A 134 0.06 9.34 27.14
C TYR A 134 -0.39 8.89 25.76
N GLU A 135 0.32 7.93 25.17
CA GLU A 135 -0.02 7.40 23.85
C GLU A 135 -0.59 6.00 24.03
N ILE A 136 -1.91 5.85 23.87
CA ILE A 136 -2.62 4.64 24.33
C ILE A 136 -2.65 3.46 23.35
N ALA A 137 -2.19 3.65 22.11
CA ALA A 137 -2.18 2.57 21.11
C ALA A 137 -1.39 2.97 19.87
N ASN A 138 -0.10 2.64 19.88
CA ASN A 138 0.86 3.00 18.82
C ASN A 138 0.37 2.85 17.37
N GLU A 139 0.14 1.61 16.94
CA GLU A 139 -0.13 1.31 15.52
C GLU A 139 -1.26 0.30 15.32
N PRO A 140 -2.50 0.74 15.53
CA PRO A 140 -3.66 -0.13 15.28
C PRO A 140 -3.68 -0.57 13.81
N ASN A 141 -3.99 -1.82 13.52
CA ASN A 141 -4.08 -2.28 12.13
C ASN A 141 -5.05 -3.45 11.97
N GLY A 142 -5.69 -3.53 10.80
CA GLY A 142 -6.70 -4.54 10.56
C GLY A 142 -8.01 -4.32 11.29
N VAL A 143 -8.23 -3.11 11.81
CA VAL A 143 -9.46 -2.76 12.52
C VAL A 143 -10.11 -1.47 12.00
N SER A 144 -11.41 -1.35 12.22
CA SER A 144 -12.16 -0.18 11.80
C SER A 144 -11.86 1.00 12.71
N TRP A 145 -12.11 2.22 12.21
CA TRP A 145 -11.99 3.43 13.03
C TRP A 145 -12.96 3.38 14.20
N ALA A 146 -14.17 2.87 13.98
CA ALA A 146 -15.15 2.77 15.08
C ALA A 146 -14.63 1.94 16.27
N SER A 147 -13.88 0.88 16.00
N SER A 147 -13.87 0.89 15.97
N SER A 147 -13.88 0.88 15.96
CA SER A 147 -13.36 0.03 17.06
CA SER A 147 -13.32 0.00 16.98
CA SER A 147 -13.30 0.00 16.97
C SER A 147 -12.19 0.68 17.80
C SER A 147 -12.18 0.66 17.77
C SER A 147 -12.21 0.69 17.77
N ILE A 148 -11.39 1.48 17.10
CA ILE A 148 -10.33 2.25 17.77
C ILE A 148 -10.95 3.30 18.69
N LYS A 149 -11.97 4.01 18.20
CA LYS A 149 -12.68 4.99 19.00
C LYS A 149 -13.25 4.37 20.28
N SER A 150 -13.87 3.20 20.18
N SER A 150 -13.86 3.20 20.16
CA SER A 150 -14.48 2.57 21.36
CA SER A 150 -14.46 2.52 21.31
C SER A 150 -13.40 2.09 22.36
C SER A 150 -13.39 2.13 22.34
N TYR A 151 -12.25 1.65 21.86
CA TYR A 151 -11.10 1.31 22.71
C TYR A 151 -10.62 2.54 23.49
N ALA A 152 -10.47 3.66 22.78
CA ALA A 152 -10.01 4.91 23.37
C ALA A 152 -10.97 5.36 24.46
N GLU A 153 -12.28 5.20 24.22
CA GLU A 153 -13.28 5.62 25.19
C GLU A 153 -13.34 4.69 26.43
N GLU A 154 -12.77 3.49 26.33
CA GLU A 154 -12.58 2.59 27.49
C GLU A 154 -11.33 2.95 28.35
N VAL A 155 -10.24 3.39 27.71
CA VAL A 155 -8.98 3.64 28.40
C VAL A 155 -8.87 5.07 28.94
N ILE A 156 -9.40 6.04 28.20
CA ILE A 156 -9.27 7.45 28.57
C ILE A 156 -9.78 7.76 29.98
N PRO A 157 -10.94 7.24 30.39
CA PRO A 157 -11.44 7.48 31.75
C PRO A 157 -10.55 6.91 32.85
N VAL A 158 -9.86 5.81 32.57
CA VAL A 158 -8.92 5.26 33.54
C VAL A 158 -7.80 6.28 33.80
N ILE A 159 -7.28 6.91 32.75
CA ILE A 159 -6.24 7.92 32.92
C ILE A 159 -6.78 9.20 33.57
N ARG A 160 -7.92 9.67 33.06
CA ARG A 160 -8.46 10.97 33.43
C ARG A 160 -8.99 11.00 34.87
N GLN A 161 -9.39 9.83 35.39
CA GLN A 161 -9.79 9.68 36.79
C GLN A 161 -8.65 10.05 37.73
N ARG A 162 -7.41 9.78 37.30
CA ARG A 162 -6.22 9.97 38.12
C ARG A 162 -5.40 11.20 37.74
N ASP A 163 -5.48 11.60 36.47
CA ASP A 163 -4.66 12.66 35.90
C ASP A 163 -5.50 13.41 34.84
N PRO A 164 -6.37 14.31 35.30
CA PRO A 164 -7.38 14.91 34.43
C PRO A 164 -6.85 15.88 33.37
N ASP A 165 -5.66 16.44 33.56
CA ASP A 165 -5.17 17.49 32.65
C ASP A 165 -4.18 17.02 31.58
N SER A 166 -3.86 15.74 31.55
N SER A 166 -3.83 15.75 31.56
CA SER A 166 -2.83 15.27 30.62
CA SER A 166 -2.79 15.30 30.65
C SER A 166 -3.38 15.09 29.21
C SER A 166 -3.33 15.01 29.23
N VAL A 167 -2.51 15.34 28.24
CA VAL A 167 -2.84 15.15 26.84
C VAL A 167 -2.70 13.67 26.48
N ILE A 168 -3.70 13.16 25.75
CA ILE A 168 -3.68 11.77 25.29
C ILE A 168 -3.62 11.73 23.76
N ILE A 169 -2.75 10.88 23.22
CA ILE A 169 -2.59 10.67 21.79
C ILE A 169 -3.19 9.33 21.40
N VAL A 170 -4.04 9.34 20.38
CA VAL A 170 -4.79 8.18 19.96
C VAL A 170 -4.32 7.72 18.59
N GLY A 171 -3.98 6.44 18.47
CA GLY A 171 -3.52 5.89 17.20
C GLY A 171 -4.67 5.84 16.19
N THR A 172 -4.32 5.73 14.91
CA THR A 172 -5.30 5.79 13.83
C THR A 172 -5.21 4.55 12.96
N ARG A 173 -6.14 4.42 12.03
CA ARG A 173 -6.23 3.20 11.22
C ARG A 173 -5.00 2.98 10.34
N GLY A 174 -4.65 1.72 10.12
CA GLY A 174 -3.65 1.38 9.13
C GLY A 174 -2.24 1.77 9.56
N TRP A 175 -1.82 1.23 10.70
CA TRP A 175 -0.54 1.57 11.31
C TRP A 175 -0.40 3.07 11.51
N SER A 176 -1.46 3.66 12.05
CA SER A 176 -1.52 5.09 12.33
C SER A 176 -1.16 5.92 11.10
N SER A 177 -1.69 5.53 9.94
CA SER A 177 -1.55 6.31 8.69
C SER A 177 -2.77 7.21 8.39
N LEU A 178 -3.52 7.58 9.43
CA LEU A 178 -4.80 8.26 9.27
C LEU A 178 -5.70 7.55 8.26
N GLY A 179 -5.58 6.22 8.18
CA GLY A 179 -6.39 5.41 7.28
C GLY A 179 -5.82 5.20 5.88
N VAL A 180 -4.79 5.94 5.50
CA VAL A 180 -4.30 5.97 4.11
C VAL A 180 -3.85 4.60 3.62
N SER A 181 -3.12 3.87 4.45
N SER A 181 -3.14 3.87 4.48
CA SER A 181 -2.61 2.56 4.07
CA SER A 181 -2.60 2.55 4.16
C SER A 181 -3.73 1.53 3.86
C SER A 181 -3.66 1.44 4.07
N GLU A 182 -4.88 1.75 4.51
CA GLU A 182 -6.02 0.83 4.41
C GLU A 182 -7.13 1.38 3.52
N GLY A 183 -6.78 2.31 2.62
CA GLY A 183 -7.67 2.84 1.61
C GLY A 183 -8.70 3.86 2.06
N SER A 184 -8.41 4.54 3.17
CA SER A 184 -9.28 5.58 3.73
C SER A 184 -8.49 6.87 3.97
N GLY A 185 -8.93 7.70 4.92
CA GLY A 185 -8.27 8.97 5.19
C GLY A 185 -8.80 9.63 6.44
N PRO A 186 -8.26 10.81 6.78
CA PRO A 186 -8.65 11.50 8.01
C PRO A 186 -10.09 12.00 8.08
N ALA A 187 -10.80 12.09 6.96
CA ALA A 187 -12.21 12.54 7.02
C ALA A 187 -13.03 11.59 7.89
N GLU A 188 -12.64 10.33 7.93
CA GLU A 188 -13.32 9.32 8.74
C GLU A 188 -13.28 9.66 10.24
N ILE A 189 -12.13 10.14 10.69
CA ILE A 189 -11.96 10.54 12.09
C ILE A 189 -12.80 11.77 12.40
N ALA A 190 -12.78 12.75 11.49
CA ALA A 190 -13.48 14.02 11.71
C ALA A 190 -14.97 13.82 11.85
N ALA A 191 -15.51 12.85 11.11
CA ALA A 191 -16.94 12.52 11.14
C ALA A 191 -17.36 11.72 12.39
N ASN A 192 -16.41 11.11 13.09
CA ASN A 192 -16.70 10.29 14.27
C ASN A 192 -15.55 10.37 15.29
N PRO A 193 -15.30 11.55 15.83
CA PRO A 193 -14.11 11.77 16.67
C PRO A 193 -14.25 11.13 18.06
N VAL A 194 -13.11 10.92 18.72
CA VAL A 194 -13.11 10.49 20.11
C VAL A 194 -13.83 11.54 20.96
N ASN A 195 -14.73 11.09 21.84
CA ASN A 195 -15.56 11.96 22.69
C ASN A 195 -14.81 12.35 23.97
N ALA A 196 -13.74 13.10 23.78
CA ALA A 196 -12.93 13.63 24.86
C ALA A 196 -12.18 14.79 24.30
N SER A 197 -11.69 15.68 25.17
CA SER A 197 -10.87 16.76 24.71
C SER A 197 -9.47 16.63 25.25
N ASN A 198 -8.62 17.57 24.86
CA ASN A 198 -7.20 17.46 25.11
C ASN A 198 -6.67 16.14 24.51
N ILE A 199 -7.14 15.83 23.30
N ILE A 199 -7.11 15.81 23.30
CA ILE A 199 -6.76 14.63 22.53
CA ILE A 199 -6.59 14.64 22.61
C ILE A 199 -6.00 15.06 21.27
C ILE A 199 -6.04 14.99 21.24
N MET A 200 -4.99 14.27 20.87
CA MET A 200 -4.34 14.40 19.57
C MET A 200 -4.41 13.04 18.87
N TYR A 201 -4.28 13.05 17.55
CA TYR A 201 -4.32 11.82 16.78
C TYR A 201 -2.95 11.59 16.15
N ALA A 202 -2.50 10.34 16.16
CA ALA A 202 -1.17 10.00 15.65
C ALA A 202 -1.12 9.80 14.14
N PHE A 203 -0.02 10.26 13.54
CA PHE A 203 0.33 9.95 12.16
C PHE A 203 1.79 9.48 12.07
N HIS A 204 1.98 8.38 11.36
CA HIS A 204 3.28 7.78 11.11
C HIS A 204 3.57 7.71 9.61
N PHE A 205 4.80 8.03 9.23
CA PHE A 205 5.21 7.91 7.83
C PHE A 205 6.68 7.57 7.68
N TYR A 206 7.04 7.01 6.53
CA TYR A 206 8.41 6.69 6.17
C TYR A 206 8.63 7.27 4.77
N ALA A 207 9.46 8.30 4.70
CA ALA A 207 9.48 9.20 3.54
C ALA A 207 9.86 8.53 2.21
N ALA A 208 10.69 7.48 2.25
CA ALA A 208 11.08 6.79 1.01
C ALA A 208 9.93 5.99 0.37
N SER A 209 8.95 5.61 1.20
CA SER A 209 7.79 4.82 0.77
C SER A 209 6.50 5.62 0.69
N HIS A 210 6.38 6.66 1.50
CA HIS A 210 5.13 7.37 1.66
C HIS A 210 5.25 8.77 1.06
N ARG A 211 4.65 8.96 -0.10
CA ARG A 211 4.87 10.14 -0.93
C ARG A 211 3.68 11.10 -0.82
N ASP A 212 3.25 11.66 -1.96
CA ASP A 212 2.25 12.74 -1.99
C ASP A 212 0.92 12.42 -1.31
N ASN A 213 0.41 11.21 -1.50
N ASN A 213 0.44 11.19 -1.49
CA ASN A 213 -0.86 10.83 -0.89
CA ASN A 213 -0.82 10.77 -0.88
C ASN A 213 -0.83 10.85 0.65
C ASN A 213 -0.80 10.92 0.63
N TYR A 214 0.30 10.50 1.23
CA TYR A 214 0.49 10.57 2.68
C TYR A 214 0.73 12.00 3.14
N LEU A 215 1.53 12.75 2.39
CA LEU A 215 1.77 14.16 2.70
C LEU A 215 0.46 14.96 2.66
N ASN A 216 -0.36 14.71 1.64
CA ASN A 216 -1.67 15.35 1.50
C ASN A 216 -2.62 14.98 2.64
N ALA A 217 -2.57 13.73 3.09
CA ALA A 217 -3.42 13.28 4.20
C ALA A 217 -3.06 14.01 5.49
N LEU A 218 -1.77 14.25 5.71
CA LEU A 218 -1.32 14.97 6.90
C LEU A 218 -1.79 16.43 6.87
N ARG A 219 -1.74 17.06 5.69
N ARG A 219 -1.72 17.05 5.68
CA ARG A 219 -2.24 18.43 5.54
CA ARG A 219 -2.24 18.41 5.49
C ARG A 219 -3.75 18.50 5.77
C ARG A 219 -3.73 18.47 5.81
N GLU A 220 -4.49 17.54 5.23
CA GLU A 220 -5.93 17.45 5.44
C GLU A 220 -6.28 17.28 6.91
N ALA A 221 -5.59 16.38 7.60
CA ALA A 221 -5.90 16.07 8.99
C ALA A 221 -5.64 17.27 9.89
N SER A 222 -4.59 18.04 9.61
CA SER A 222 -4.23 19.14 10.48
C SER A 222 -5.22 20.32 10.38
N GLU A 223 -6.08 20.31 9.36
CA GLU A 223 -7.20 21.27 9.26
C GLU A 223 -8.35 20.94 10.23
N LEU A 224 -8.49 19.67 10.58
CA LEU A 224 -9.68 19.12 11.26
C LEU A 224 -9.49 18.82 12.75
N PHE A 225 -8.28 18.46 13.14
CA PHE A 225 -8.01 18.03 14.51
C PHE A 225 -6.50 18.05 14.81
N PRO A 226 -6.11 17.99 16.08
CA PRO A 226 -4.68 18.05 16.42
C PRO A 226 -3.96 16.77 16.05
N VAL A 227 -2.80 16.90 15.42
CA VAL A 227 -2.01 15.74 15.00
C VAL A 227 -0.62 15.81 15.62
N PHE A 228 -0.12 14.64 16.06
CA PHE A 228 1.27 14.51 16.47
C PHE A 228 1.89 13.34 15.71
N VAL A 229 3.07 13.56 15.15
CA VAL A 229 3.75 12.52 14.39
C VAL A 229 4.63 11.77 15.39
N THR A 230 4.08 10.73 15.99
CA THR A 230 4.79 10.03 17.07
C THR A 230 5.86 9.09 16.54
N GLN A 231 5.82 8.80 15.24
CA GLN A 231 6.83 7.93 14.65
C GLN A 231 7.02 8.23 13.17
N PHE A 232 8.24 8.58 12.77
CA PHE A 232 8.54 8.73 11.36
C PHE A 232 9.98 8.41 11.04
N GLY A 233 10.22 8.03 9.79
CA GLY A 233 11.57 7.81 9.30
C GLY A 233 11.76 8.45 7.95
N THR A 234 13.02 8.50 7.52
CA THR A 234 13.39 9.00 6.20
C THR A 234 13.60 7.88 5.20
N GLU A 235 13.51 6.62 5.64
CA GLU A 235 13.79 5.47 4.78
C GLU A 235 12.46 4.79 4.44
N THR A 236 12.48 3.50 4.11
CA THR A 236 11.25 2.82 3.69
C THR A 236 10.44 2.38 4.92
N TYR A 237 9.27 1.79 4.66
CA TYR A 237 8.34 1.39 5.72
C TYR A 237 8.85 0.29 6.66
N THR A 238 9.95 -0.38 6.29
CA THR A 238 10.57 -1.38 7.18
C THR A 238 11.47 -0.77 8.27
N GLY A 239 11.79 0.52 8.14
CA GLY A 239 12.73 1.18 9.03
C GLY A 239 14.16 1.08 8.53
N ASP A 240 14.34 0.51 7.34
CA ASP A 240 15.65 0.30 6.73
C ASP A 240 15.59 0.74 5.25
N GLY A 241 16.73 0.71 4.58
CA GLY A 241 16.82 1.04 3.17
C GLY A 241 17.37 2.43 2.94
N ALA A 242 17.31 2.87 1.69
CA ALA A 242 17.82 4.17 1.29
C ALA A 242 16.97 5.29 1.86
N ASN A 243 17.63 6.35 2.29
CA ASN A 243 16.96 7.58 2.72
C ASN A 243 16.49 8.39 1.53
N ASP A 244 15.32 9.02 1.67
CA ASP A 244 14.88 10.06 0.74
C ASP A 244 14.74 11.35 1.51
N PHE A 245 15.84 12.09 1.62
CA PHE A 245 15.85 13.32 2.40
C PHE A 245 15.08 14.45 1.71
N GLN A 246 14.95 14.38 0.39
CA GLN A 246 14.23 15.41 -0.34
C GLN A 246 12.74 15.32 0.06
N MET A 247 12.19 14.11 0.05
CA MET A 247 10.82 13.91 0.49
C MET A 247 10.66 14.21 1.98
N ALA A 248 11.59 13.75 2.80
CA ALA A 248 11.54 14.03 4.25
C ALA A 248 11.48 15.52 4.55
N ASP A 249 12.27 16.32 3.84
CA ASP A 249 12.30 17.76 4.02
C ASP A 249 10.95 18.43 3.71
N ARG A 250 10.20 17.88 2.77
CA ARG A 250 8.86 18.37 2.48
C ARG A 250 7.92 18.15 3.67
N TYR A 251 8.04 16.99 4.32
CA TYR A 251 7.28 16.72 5.55
C TYR A 251 7.71 17.67 6.67
N ILE A 252 9.01 17.85 6.85
CA ILE A 252 9.55 18.73 7.90
C ILE A 252 9.04 20.15 7.72
N ASP A 253 8.99 20.64 6.49
CA ASP A 253 8.55 22.01 6.22
C ASP A 253 7.06 22.16 6.50
N LEU A 254 6.25 21.19 6.07
N LEU A 254 6.26 21.19 6.06
CA LEU A 254 4.82 21.20 6.35
CA LEU A 254 4.81 21.16 6.34
C LEU A 254 4.57 21.18 7.86
C LEU A 254 4.55 21.15 7.85
N MET A 255 5.30 20.34 8.58
CA MET A 255 5.13 20.22 10.03
C MET A 255 5.53 21.53 10.75
N ALA A 256 6.58 22.19 10.27
CA ALA A 256 7.01 23.45 10.88
C ALA A 256 5.95 24.53 10.67
N GLU A 257 5.38 24.54 9.47
CA GLU A 257 4.37 25.53 9.07
C GLU A 257 3.05 25.37 9.84
N ARG A 258 2.70 24.14 10.19
CA ARG A 258 1.46 23.83 10.90
C ARG A 258 1.71 23.59 12.40
N LYS A 259 2.96 23.72 12.83
CA LYS A 259 3.42 23.45 14.19
C LYS A 259 3.00 22.06 14.71
N ILE A 260 3.18 21.07 13.85
CA ILE A 260 2.94 19.67 14.19
C ILE A 260 4.21 19.08 14.79
N GLY A 261 4.11 18.62 16.03
CA GLY A 261 5.22 18.00 16.72
C GLY A 261 5.56 16.64 16.17
N TRP A 262 6.78 16.21 16.41
CA TRP A 262 7.22 14.92 15.92
C TRP A 262 8.31 14.29 16.76
N THR A 263 8.35 12.95 16.72
CA THR A 263 9.46 12.19 17.30
C THR A 263 9.96 11.16 16.28
N LYS A 264 11.25 11.23 15.96
N LYS A 264 11.24 11.24 15.93
CA LYS A 264 11.82 10.38 14.92
CA LYS A 264 11.77 10.36 14.89
C LYS A 264 12.13 8.97 15.43
C LYS A 264 12.14 8.97 15.42
N TRP A 265 11.83 7.97 14.61
CA TRP A 265 12.20 6.59 14.84
C TRP A 265 13.60 6.38 14.26
N ASN A 266 14.65 6.14 15.04
CA ASN A 266 14.65 5.94 16.49
C ASN A 266 16.03 6.16 17.11
N TYR A 267 16.05 6.33 18.43
CA TYR A 267 17.24 6.64 19.23
C TYR A 267 17.86 5.35 19.76
N SER A 268 18.50 4.62 18.86
CA SER A 268 19.15 3.36 19.21
C SER A 268 20.29 3.09 18.25
N ASP A 269 21.03 2.02 18.52
CA ASP A 269 22.11 1.59 17.63
C ASP A 269 21.78 0.27 16.91
N ASP A 270 20.50 0.08 16.60
CA ASP A 270 20.05 -1.00 15.73
C ASP A 270 20.78 -0.91 14.38
N PHE A 271 20.90 -2.04 13.67
CA PHE A 271 21.60 -2.07 12.39
C PHE A 271 20.86 -1.34 11.25
N ARG A 272 19.55 -1.17 11.39
CA ARG A 272 18.76 -0.55 10.33
C ARG A 272 19.08 0.95 10.17
N SER A 273 18.93 1.47 8.95
CA SER A 273 19.33 2.84 8.65
C SER A 273 18.58 3.92 9.45
N GLY A 274 17.36 3.61 9.91
CA GLY A 274 16.57 4.53 10.71
C GLY A 274 17.07 4.77 12.13
N ALA A 275 17.77 3.80 12.70
CA ALA A 275 18.36 3.97 14.02
C ALA A 275 19.53 4.92 13.89
N VAL A 276 19.54 5.97 14.68
CA VAL A 276 20.47 7.08 14.46
C VAL A 276 21.94 6.76 14.74
N PHE A 277 22.21 5.75 15.56
CA PHE A 277 23.59 5.41 15.95
C PHE A 277 24.10 4.17 15.25
N GLN A 278 25.41 4.12 15.04
CA GLN A 278 26.02 2.94 14.42
C GLN A 278 26.06 1.82 15.46
N PRO A 279 25.80 0.59 15.04
CA PRO A 279 25.94 -0.58 15.92
C PRO A 279 27.23 -0.62 16.73
N GLY A 280 27.09 -0.90 18.02
CA GLY A 280 28.20 -0.86 18.95
C GLY A 280 28.30 0.43 19.74
N THR A 281 27.61 1.47 19.31
CA THR A 281 27.70 2.78 19.96
C THR A 281 27.25 2.74 21.42
N CYS A 282 26.14 2.09 21.71
CA CYS A 282 25.59 2.08 23.07
C CYS A 282 26.45 1.25 24.01
N ALA A 283 27.00 0.15 23.50
CA ALA A 283 27.93 -0.68 24.26
C ALA A 283 29.23 0.07 24.57
N SER A 284 29.61 0.97 23.67
CA SER A 284 30.84 1.75 23.85
C SER A 284 30.62 2.99 24.72
N GLY A 285 29.37 3.31 25.03
CA GLY A 285 29.06 4.46 25.85
C GLY A 285 29.17 5.77 25.09
N GLY A 286 28.95 5.72 23.78
CA GLY A 286 29.05 6.89 22.93
C GLY A 286 30.22 6.84 21.96
N PRO A 287 30.63 8.00 21.42
CA PRO A 287 29.93 9.28 21.59
C PRO A 287 28.55 9.32 20.93
N TRP A 288 27.77 10.33 21.27
CA TRP A 288 26.39 10.43 20.78
C TRP A 288 26.28 11.52 19.71
N SER A 289 27.39 11.76 19.02
CA SER A 289 27.46 12.67 17.89
C SER A 289 28.62 12.24 16.98
N GLY A 290 28.88 13.03 15.93
CA GLY A 290 30.04 12.81 15.08
C GLY A 290 30.01 11.49 14.31
N SER A 291 31.10 10.74 14.40
CA SER A 291 31.27 9.51 13.61
C SER A 291 30.37 8.34 14.03
N SER A 292 29.70 8.48 15.18
N SER A 292 29.71 8.49 15.19
CA SER A 292 28.76 7.44 15.62
CA SER A 292 28.73 7.50 15.68
C SER A 292 27.37 7.58 14.98
C SER A 292 27.39 7.57 14.94
N LEU A 293 27.14 8.66 14.22
CA LEU A 293 25.83 8.89 13.60
C LEU A 293 25.69 8.29 12.22
N LYS A 294 24.58 7.59 11.98
CA LYS A 294 24.19 7.24 10.63
C LYS A 294 23.74 8.51 9.90
N ALA A 295 23.48 8.39 8.60
CA ALA A 295 23.07 9.54 7.79
C ALA A 295 21.77 10.18 8.31
N SER A 296 20.79 9.35 8.63
CA SER A 296 19.53 9.79 9.22
C SER A 296 19.75 10.50 10.56
N GLY A 297 20.73 10.02 11.32
CA GLY A 297 21.13 10.64 12.56
C GLY A 297 21.71 12.04 12.41
N GLN A 298 22.63 12.23 11.47
CA GLN A 298 23.18 13.56 11.23
C GLN A 298 22.08 14.51 10.75
N TRP A 299 21.16 13.99 9.93
CA TRP A 299 20.05 14.77 9.37
C TRP A 299 19.11 15.27 10.48
N VAL A 300 18.68 14.39 11.38
CA VAL A 300 17.73 14.77 12.42
C VAL A 300 18.36 15.66 13.49
N ARG A 301 19.59 15.35 13.88
N ARG A 301 19.60 15.35 13.87
CA ARG A 301 20.32 16.16 14.86
CA ARG A 301 20.34 16.14 14.85
C ARG A 301 20.45 17.59 14.35
C ARG A 301 20.48 17.58 14.36
N SER A 302 20.70 17.73 13.06
CA SER A 302 20.77 19.05 12.42
C SER A 302 19.42 19.79 12.45
N LYS A 303 18.32 19.08 12.19
CA LYS A 303 16.99 19.71 12.30
C LYS A 303 16.73 20.18 13.73
N LEU A 304 17.09 19.34 14.71
CA LEU A 304 16.79 19.61 16.11
C LEU A 304 17.60 20.78 16.70
N GLN A 305 18.80 20.99 16.18
CA GLN A 305 19.69 22.04 16.68
C GLN A 305 19.38 23.37 15.99
N SER A 306 18.60 23.32 14.91
CA SER A 306 18.18 24.50 14.14
C SER A 306 19.39 25.29 13.62
N GLY B 2 12.85 3.65 -11.27
CA GLY B 2 12.21 3.98 -12.57
C GLY B 2 10.84 3.31 -12.77
N THR B 3 10.33 3.37 -14.00
CA THR B 3 9.04 2.77 -14.35
C THR B 3 9.12 1.24 -14.36
N PRO B 4 7.98 0.56 -14.33
CA PRO B 4 7.96 -0.91 -14.47
C PRO B 4 8.73 -1.37 -15.72
N VAL B 5 8.55 -0.72 -16.85
CA VAL B 5 9.21 -1.14 -18.08
C VAL B 5 10.71 -0.94 -17.96
N GLU B 6 11.13 0.12 -17.28
CA GLU B 6 12.55 0.39 -17.07
C GLU B 6 13.22 -0.59 -16.12
N ARG B 7 12.46 -1.08 -15.15
N ARG B 7 12.44 -1.07 -15.14
CA ARG B 7 13.03 -1.97 -14.14
CA ARG B 7 12.93 -1.99 -14.11
C ARG B 7 13.04 -3.45 -14.54
C ARG B 7 13.10 -3.41 -14.65
N TYR B 8 12.15 -3.85 -15.46
CA TYR B 8 12.09 -5.26 -15.91
C TYR B 8 12.52 -5.49 -17.37
N GLY B 9 12.40 -4.46 -18.20
CA GLY B 9 12.80 -4.54 -19.60
C GLY B 9 11.99 -5.51 -20.44
N LYS B 10 12.66 -6.21 -21.33
CA LYS B 10 12.03 -7.14 -22.26
C LYS B 10 11.66 -8.45 -21.57
N VAL B 11 10.44 -8.52 -21.06
CA VAL B 11 9.96 -9.71 -20.35
C VAL B 11 9.79 -10.88 -21.34
N GLN B 12 10.04 -12.09 -20.85
CA GLN B 12 9.95 -13.33 -21.63
C GLN B 12 9.57 -14.46 -20.68
N VAL B 13 8.93 -15.50 -21.19
CA VAL B 13 8.70 -16.69 -20.40
C VAL B 13 10.03 -17.38 -20.14
N CYS B 14 10.24 -17.86 -18.92
CA CYS B 14 11.37 -18.72 -18.59
C CYS B 14 10.85 -19.85 -17.70
N GLY B 15 10.90 -21.08 -18.21
CA GLY B 15 10.25 -22.20 -17.55
C GLY B 15 8.74 -22.05 -17.55
N THR B 16 8.14 -21.97 -16.36
CA THR B 16 6.69 -21.80 -16.20
C THR B 16 6.30 -20.41 -15.67
N GLN B 17 7.21 -19.45 -15.74
CA GLN B 17 6.97 -18.12 -15.19
C GLN B 17 7.32 -17.03 -16.18
N LEU B 18 6.69 -15.86 -16.05
CA LEU B 18 7.13 -14.68 -16.77
C LEU B 18 8.32 -14.09 -16.00
N CYS B 19 9.39 -13.78 -16.71
CA CYS B 19 10.62 -13.26 -16.11
C CYS B 19 11.02 -11.93 -16.72
N ASP B 20 11.80 -11.14 -15.98
CA ASP B 20 12.41 -9.92 -16.52
C ASP B 20 13.55 -10.29 -17.48
N GLU B 21 14.23 -9.28 -18.02
CA GLU B 21 15.24 -9.54 -19.06
C GLU B 21 16.57 -10.10 -18.52
N HIS B 22 16.66 -10.33 -17.21
CA HIS B 22 17.83 -10.97 -16.59
C HIS B 22 17.50 -12.26 -15.84
N GLY B 23 16.34 -12.86 -16.16
CA GLY B 23 15.97 -14.17 -15.68
C GLY B 23 15.25 -14.28 -14.35
N ASN B 24 14.94 -13.16 -13.71
CA ASN B 24 14.24 -13.18 -12.42
C ASN B 24 12.74 -13.21 -12.67
N PRO B 25 12.01 -14.18 -12.10
CA PRO B 25 10.55 -14.16 -12.19
C PRO B 25 9.99 -12.83 -11.71
N VAL B 26 8.98 -12.34 -12.41
CA VAL B 26 8.35 -11.08 -12.10
C VAL B 26 6.85 -11.22 -12.13
N GLN B 27 6.18 -10.56 -11.18
CA GLN B 27 4.72 -10.52 -11.13
C GLN B 27 4.26 -9.13 -11.56
N LEU B 28 3.62 -9.06 -12.73
CA LEU B 28 3.05 -7.80 -13.23
C LEU B 28 1.59 -7.71 -12.86
N ARG B 29 1.24 -6.64 -12.16
CA ARG B 29 -0.10 -6.44 -11.63
C ARG B 29 -0.64 -5.12 -12.11
N GLY B 30 -1.93 -5.09 -12.46
CA GLY B 30 -2.50 -3.92 -13.08
C GLY B 30 -3.99 -4.01 -13.31
N MET B 31 -4.46 -3.25 -14.31
CA MET B 31 -5.89 -3.10 -14.58
C MET B 31 -6.19 -3.39 -16.04
N SER B 32 -7.37 -3.93 -16.27
CA SER B 32 -7.95 -4.01 -17.60
C SER B 32 -8.93 -2.88 -17.81
N THR B 33 -8.90 -2.28 -18.99
CA THR B 33 -9.97 -1.39 -19.42
C THR B 33 -11.23 -2.23 -19.61
N HIS B 34 -12.38 -1.57 -19.60
CA HIS B 34 -13.60 -2.15 -20.15
C HIS B 34 -13.48 -2.02 -21.68
N GLY B 35 -14.50 -2.47 -22.42
CA GLY B 35 -14.52 -2.31 -23.86
C GLY B 35 -14.34 -0.87 -24.30
N ILE B 36 -13.43 -0.64 -25.25
CA ILE B 36 -13.18 0.72 -25.71
C ILE B 36 -14.31 1.29 -26.57
N GLN B 37 -15.19 0.44 -27.10
CA GLN B 37 -16.39 0.92 -27.81
C GLN B 37 -17.44 1.55 -26.87
N TRP B 38 -17.36 1.25 -25.58
CA TRP B 38 -18.28 1.82 -24.58
C TRP B 38 -17.61 2.81 -23.65
N PHE B 39 -16.34 2.59 -23.33
CA PHE B 39 -15.69 3.34 -22.24
C PHE B 39 -14.39 4.01 -22.68
N ASP B 40 -14.32 4.38 -23.95
CA ASP B 40 -13.18 5.11 -24.50
C ASP B 40 -12.94 6.42 -23.74
N HIS B 41 -14.03 7.06 -23.34
CA HIS B 41 -13.97 8.34 -22.62
C HIS B 41 -13.35 8.23 -21.22
N CYS B 42 -13.19 7.01 -20.70
CA CYS B 42 -12.50 6.78 -19.42
C CYS B 42 -10.97 6.77 -19.52
N LEU B 43 -10.46 6.74 -20.75
CA LEU B 43 -9.04 6.55 -21.03
C LEU B 43 -8.47 7.84 -21.57
N THR B 44 -7.97 8.66 -20.65
CA THR B 44 -7.43 9.98 -20.94
C THR B 44 -6.02 10.12 -20.40
N ASP B 45 -5.36 11.21 -20.78
N ASP B 45 -5.38 11.22 -20.78
CA ASP B 45 -4.07 11.55 -20.18
CA ASP B 45 -4.08 11.61 -20.22
C ASP B 45 -4.17 11.51 -18.66
C ASP B 45 -4.15 11.57 -18.69
N SER B 46 -5.20 12.14 -18.13
CA SER B 46 -5.41 12.21 -16.69
C SER B 46 -5.60 10.86 -16.01
N SER B 47 -6.47 10.01 -16.56
CA SER B 47 -6.77 8.72 -15.92
C SER B 47 -5.62 7.73 -16.04
N LEU B 48 -4.88 7.81 -17.14
CA LEU B 48 -3.76 6.89 -17.39
C LEU B 48 -2.54 7.32 -16.55
N ASP B 49 -2.37 8.61 -16.36
CA ASP B 49 -1.34 9.13 -15.47
C ASP B 49 -1.61 8.65 -14.04
N ALA B 50 -2.87 8.67 -13.63
CA ALA B 50 -3.25 8.18 -12.30
C ALA B 50 -2.90 6.70 -12.15
N LEU B 51 -3.26 5.90 -13.15
CA LEU B 51 -3.04 4.47 -13.11
C LEU B 51 -1.55 4.13 -12.98
N ALA B 52 -0.72 4.84 -13.73
CA ALA B 52 0.73 4.60 -13.72
C ALA B 52 1.44 5.19 -12.48
N TYR B 53 1.20 6.47 -12.19
CA TYR B 53 2.00 7.19 -11.18
C TYR B 53 1.43 7.14 -9.75
N ASP B 54 0.10 7.12 -9.62
CA ASP B 54 -0.57 7.05 -8.31
C ASP B 54 -0.90 5.63 -7.88
N TRP B 55 -1.54 4.86 -8.76
CA TRP B 55 -1.94 3.48 -8.43
C TRP B 55 -0.75 2.51 -8.46
N LYS B 56 0.30 2.88 -9.19
CA LYS B 56 1.52 2.07 -9.33
C LYS B 56 1.27 0.74 -10.05
N ALA B 57 0.34 0.73 -11.01
CA ALA B 57 0.15 -0.44 -11.88
C ALA B 57 1.40 -0.69 -12.73
N ASP B 58 1.68 -1.96 -13.02
CA ASP B 58 2.78 -2.38 -13.88
C ASP B 58 2.34 -2.55 -15.32
N ILE B 59 1.04 -2.75 -15.51
CA ILE B 59 0.52 -3.26 -16.77
C ILE B 59 -0.91 -2.78 -16.95
N ILE B 60 -1.30 -2.56 -18.20
CA ILE B 60 -2.67 -2.23 -18.56
C ILE B 60 -3.10 -3.15 -19.71
N ARG B 61 -4.30 -3.68 -19.62
CA ARG B 61 -4.86 -4.50 -20.69
C ARG B 61 -5.89 -3.67 -21.44
N LEU B 62 -5.70 -3.59 -22.74
CA LEU B 62 -6.56 -2.82 -23.63
C LEU B 62 -7.59 -3.75 -24.28
N SER B 63 -8.81 -3.72 -23.76
CA SER B 63 -9.86 -4.65 -24.17
C SER B 63 -10.66 -4.10 -25.35
N MET B 64 -10.49 -4.71 -26.51
CA MET B 64 -11.23 -4.32 -27.70
C MET B 64 -12.23 -5.41 -28.08
N TYR B 65 -13.51 -5.18 -27.83
CA TYR B 65 -14.56 -6.08 -28.31
C TYR B 65 -14.57 -6.08 -29.83
N ILE B 66 -14.99 -7.20 -30.42
CA ILE B 66 -15.04 -7.32 -31.87
C ILE B 66 -16.51 -7.16 -32.30
N GLN B 67 -17.37 -7.93 -31.67
CA GLN B 67 -18.81 -7.75 -31.82
C GLN B 67 -19.28 -6.71 -30.78
N GLU B 68 -20.58 -6.65 -30.47
CA GLU B 68 -21.10 -5.73 -29.46
C GLU B 68 -20.69 -4.27 -29.72
N ASP B 69 -20.79 -3.88 -31.00
CA ASP B 69 -20.48 -2.52 -31.50
C ASP B 69 -18.99 -2.15 -31.48
N GLY B 70 -18.15 -3.18 -31.47
CA GLY B 70 -16.71 -3.00 -31.41
C GLY B 70 -16.06 -2.95 -32.79
N TYR B 71 -14.90 -3.60 -32.90
CA TYR B 71 -14.02 -3.53 -34.05
C TYR B 71 -14.71 -3.73 -35.41
N GLU B 72 -15.62 -4.71 -35.50
CA GLU B 72 -16.27 -5.03 -36.78
C GLU B 72 -17.01 -3.84 -37.42
N THR B 73 -17.46 -2.90 -36.58
CA THR B 73 -18.20 -1.72 -37.05
C THR B 73 -17.28 -0.68 -37.70
N ASN B 74 -16.00 -0.64 -37.30
CA ASN B 74 -15.05 0.30 -37.87
C ASN B 74 -13.60 -0.15 -37.68
N PRO B 75 -13.16 -1.14 -38.45
CA PRO B 75 -11.79 -1.67 -38.29
C PRO B 75 -10.69 -0.59 -38.27
N ARG B 76 -10.74 0.36 -39.20
CA ARG B 76 -9.70 1.37 -39.31
C ARG B 76 -9.67 2.27 -38.08
N GLY B 77 -10.83 2.74 -37.63
CA GLY B 77 -10.92 3.60 -36.45
C GLY B 77 -10.47 2.94 -35.17
N PHE B 78 -10.92 1.72 -34.93
CA PHE B 78 -10.54 0.98 -33.72
C PHE B 78 -9.04 0.64 -33.73
N THR B 79 -8.51 0.26 -34.88
CA THR B 79 -7.09 -0.03 -35.00
C THR B 79 -6.25 1.22 -34.69
N ASP B 80 -6.67 2.38 -35.21
CA ASP B 80 -5.94 3.62 -34.99
C ASP B 80 -5.94 4.02 -33.51
N ARG B 81 -7.06 3.80 -32.84
CA ARG B 81 -7.17 4.13 -31.43
C ARG B 81 -6.30 3.18 -30.59
N MET B 82 -6.21 1.92 -31.01
N MET B 82 -6.21 1.92 -31.01
CA MET B 82 -5.37 0.96 -30.32
CA MET B 82 -5.37 0.96 -30.31
C MET B 82 -3.90 1.36 -30.43
C MET B 82 -3.89 1.32 -30.45
N HIS B 83 -3.46 1.75 -31.63
CA HIS B 83 -2.08 2.25 -31.83
C HIS B 83 -1.80 3.40 -30.85
N GLN B 84 -2.74 4.32 -30.75
CA GLN B 84 -2.61 5.47 -29.85
C GLN B 84 -2.49 5.05 -28.39
N LEU B 85 -3.35 4.12 -27.97
CA LEU B 85 -3.36 3.66 -26.58
C LEU B 85 -2.09 2.89 -26.22
N ILE B 86 -1.57 2.11 -27.16
CA ILE B 86 -0.31 1.41 -26.96
C ILE B 86 0.81 2.44 -26.74
N ASP B 87 0.88 3.46 -27.59
CA ASP B 87 1.89 4.51 -27.43
C ASP B 87 1.76 5.29 -26.11
N MET B 88 0.53 5.56 -25.70
CA MET B 88 0.27 6.30 -24.45
C MET B 88 0.70 5.49 -23.23
N ALA B 89 0.42 4.20 -23.27
CA ALA B 89 0.80 3.33 -22.16
C ALA B 89 2.31 3.24 -22.07
N THR B 90 2.97 3.13 -23.23
CA THR B 90 4.42 3.05 -23.30
C THR B 90 5.06 4.34 -22.76
N ALA B 91 4.44 5.47 -23.07
CA ALA B 91 4.92 6.78 -22.59
C ALA B 91 4.74 6.98 -21.07
N ARG B 92 3.95 6.11 -20.43
CA ARG B 92 3.79 6.13 -18.98
C ARG B 92 4.52 4.98 -18.28
N GLY B 93 5.31 4.23 -19.04
CA GLY B 93 6.15 3.18 -18.49
C GLY B 93 5.43 1.90 -18.13
N LEU B 94 4.30 1.63 -18.78
CA LEU B 94 3.50 0.44 -18.51
C LEU B 94 3.70 -0.64 -19.56
N TYR B 95 3.66 -1.90 -19.12
CA TYR B 95 3.41 -3.03 -20.00
C TYR B 95 1.98 -2.94 -20.50
N VAL B 96 1.74 -3.46 -21.69
CA VAL B 96 0.44 -3.38 -22.31
C VAL B 96 0.05 -4.74 -22.91
N ILE B 97 -1.13 -5.22 -22.56
CA ILE B 97 -1.72 -6.39 -23.19
C ILE B 97 -2.75 -5.92 -24.21
N VAL B 98 -2.58 -6.34 -25.45
CA VAL B 98 -3.53 -6.03 -26.52
C VAL B 98 -4.53 -7.18 -26.56
N ASP B 99 -5.76 -6.92 -26.12
CA ASP B 99 -6.78 -7.95 -25.89
C ASP B 99 -7.83 -8.00 -27.02
N TRP B 100 -7.75 -9.04 -27.84
CA TRP B 100 -8.76 -9.38 -28.85
C TRP B 100 -9.95 -9.98 -28.10
N HIS B 101 -10.95 -9.16 -27.80
CA HIS B 101 -11.92 -9.45 -26.76
C HIS B 101 -13.17 -10.14 -27.31
N ILE B 102 -13.00 -11.36 -27.78
CA ILE B 102 -14.10 -12.20 -28.21
C ILE B 102 -14.86 -12.72 -26.99
N LEU B 103 -16.16 -12.90 -27.14
CA LEU B 103 -17.03 -13.38 -26.09
C LEU B 103 -18.24 -14.08 -26.71
N THR B 104 -19.00 -13.35 -27.53
CA THR B 104 -20.15 -13.89 -28.27
C THR B 104 -20.14 -13.34 -29.70
N PRO B 105 -19.95 -14.18 -30.73
CA PRO B 105 -19.75 -15.63 -30.63
C PRO B 105 -18.49 -16.10 -29.89
N GLY B 106 -18.60 -17.28 -29.28
CA GLY B 106 -17.56 -17.83 -28.44
C GLY B 106 -16.48 -18.63 -29.15
N ASP B 107 -16.71 -19.03 -30.40
CA ASP B 107 -15.68 -19.72 -31.20
C ASP B 107 -14.71 -18.69 -31.75
N PRO B 108 -13.43 -18.74 -31.38
CA PRO B 108 -12.46 -17.76 -31.87
C PRO B 108 -12.33 -17.74 -33.39
N HIS B 109 -12.57 -18.87 -34.07
CA HIS B 109 -12.45 -18.87 -35.53
C HIS B 109 -13.44 -17.97 -36.25
N TYR B 110 -14.57 -17.66 -35.60
CA TYR B 110 -15.53 -16.69 -36.12
C TYR B 110 -14.88 -15.36 -36.50
N ASN B 111 -13.84 -14.98 -35.75
CA ASN B 111 -13.15 -13.72 -35.96
C ASN B 111 -11.71 -13.86 -36.47
N LEU B 112 -11.34 -15.04 -36.96
CA LEU B 112 -9.97 -15.32 -37.37
C LEU B 112 -9.45 -14.41 -38.49
N ASP B 113 -10.21 -14.26 -39.56
CA ASP B 113 -9.75 -13.45 -40.69
C ASP B 113 -9.50 -12.00 -40.25
N ARG B 114 -10.38 -11.47 -39.40
CA ARG B 114 -10.21 -10.14 -38.84
C ARG B 114 -8.97 -10.08 -37.94
N ALA B 115 -8.80 -11.10 -37.12
CA ALA B 115 -7.69 -11.14 -36.17
C ALA B 115 -6.35 -11.12 -36.89
N LYS B 116 -6.26 -11.80 -38.02
CA LYS B 116 -5.01 -11.86 -38.79
C LYS B 116 -4.65 -10.47 -39.33
N THR B 117 -5.64 -9.77 -39.85
CA THR B 117 -5.46 -8.40 -40.30
C THR B 117 -5.01 -7.47 -39.17
N PHE B 118 -5.73 -7.52 -38.06
CA PHE B 118 -5.46 -6.62 -36.95
C PHE B 118 -4.08 -6.90 -36.34
N PHE B 119 -3.83 -8.15 -35.97
CA PHE B 119 -2.55 -8.48 -35.36
C PHE B 119 -1.37 -8.27 -36.31
N ALA B 120 -1.57 -8.45 -37.62
CA ALA B 120 -0.51 -8.12 -38.57
C ALA B 120 -0.12 -6.65 -38.46
N GLU B 121 -1.11 -5.76 -38.41
CA GLU B 121 -0.84 -4.33 -38.31
C GLU B 121 -0.21 -3.95 -36.96
N ILE B 122 -0.74 -4.49 -35.86
CA ILE B 122 -0.23 -4.18 -34.54
C ILE B 122 1.21 -4.68 -34.40
N ALA B 123 1.45 -5.91 -34.79
CA ALA B 123 2.78 -6.50 -34.63
C ALA B 123 3.84 -5.81 -35.51
N GLN B 124 3.49 -5.40 -36.71
N GLN B 124 3.46 -5.39 -36.71
CA GLN B 124 4.46 -4.70 -37.56
CA GLN B 124 4.36 -4.68 -37.62
C GLN B 124 4.78 -3.31 -37.00
C GLN B 124 4.77 -3.34 -37.01
N ARG B 125 3.76 -2.61 -36.52
N ARG B 125 3.79 -2.56 -36.57
CA ARG B 125 3.91 -1.22 -36.07
CA ARG B 125 4.03 -1.22 -36.07
C ARG B 125 4.71 -1.13 -34.77
C ARG B 125 4.88 -1.23 -34.81
N HIS B 126 4.54 -2.12 -33.88
CA HIS B 126 5.13 -2.11 -32.53
C HIS B 126 6.21 -3.16 -32.28
N ALA B 127 6.77 -3.69 -33.36
CA ALA B 127 7.82 -4.73 -33.25
C ALA B 127 9.03 -4.31 -32.40
N SER B 128 9.44 -3.05 -32.55
N SER B 128 9.45 -3.05 -32.52
CA SER B 128 10.60 -2.52 -31.81
CA SER B 128 10.63 -2.58 -31.79
C SER B 128 10.37 -2.40 -30.30
C SER B 128 10.38 -2.35 -30.28
N LYS B 129 9.11 -2.26 -29.88
CA LYS B 129 8.77 -2.18 -28.45
C LYS B 129 9.07 -3.51 -27.73
N THR B 130 9.39 -3.43 -26.45
CA THR B 130 9.68 -4.62 -25.62
C THR B 130 8.60 -4.90 -24.56
N ASN B 131 7.56 -4.07 -24.54
CA ASN B 131 6.61 -4.02 -23.43
C ASN B 131 5.17 -4.42 -23.81
N VAL B 132 5.01 -4.92 -25.03
CA VAL B 132 3.70 -5.31 -25.56
C VAL B 132 3.52 -6.84 -25.58
N LEU B 133 2.44 -7.30 -24.97
CA LEU B 133 2.00 -8.71 -25.00
C LEU B 133 0.70 -8.78 -25.80
N TYR B 134 0.44 -9.90 -26.46
CA TYR B 134 -0.70 -10.04 -27.35
C TYR B 134 -1.61 -11.12 -26.82
N GLU B 135 -2.85 -10.78 -26.49
CA GLU B 135 -3.85 -11.75 -26.07
C GLU B 135 -4.82 -12.03 -27.24
N ILE B 136 -4.73 -13.23 -27.81
CA ILE B 136 -5.35 -13.51 -29.12
C ILE B 136 -6.81 -13.98 -29.13
N ALA B 137 -7.33 -14.34 -27.96
CA ALA B 137 -8.74 -14.77 -27.78
C ALA B 137 -9.14 -14.73 -26.31
N ASN B 138 -9.72 -13.61 -25.89
CA ASN B 138 -10.15 -13.36 -24.51
C ASN B 138 -10.84 -14.55 -23.77
N GLU B 139 -12.04 -14.91 -24.20
CA GLU B 139 -12.89 -15.90 -23.49
C GLU B 139 -13.58 -16.89 -24.44
N PRO B 140 -12.83 -17.86 -24.96
CA PRO B 140 -13.44 -18.89 -25.82
C PRO B 140 -14.51 -19.63 -25.02
N ASN B 141 -15.62 -19.95 -25.64
CA ASN B 141 -16.66 -20.70 -24.96
C ASN B 141 -17.48 -21.52 -25.97
N GLY B 142 -17.92 -22.70 -25.53
CA GLY B 142 -18.69 -23.59 -26.38
C GLY B 142 -17.83 -24.37 -27.35
N VAL B 143 -16.51 -24.35 -27.16
CA VAL B 143 -15.57 -25.02 -28.06
C VAL B 143 -14.57 -25.91 -27.30
N SER B 144 -14.04 -26.91 -28.01
CA SER B 144 -13.09 -27.83 -27.43
C SER B 144 -11.71 -27.18 -27.30
N TRP B 145 -10.87 -27.73 -26.43
CA TRP B 145 -9.48 -27.27 -26.33
C TRP B 145 -8.74 -27.49 -27.66
N ALA B 146 -8.96 -28.63 -28.32
CA ALA B 146 -8.33 -28.87 -29.61
C ALA B 146 -8.60 -27.75 -30.64
N SER B 147 -9.82 -27.20 -30.64
N SER B 147 -9.82 -27.21 -30.62
N SER B 147 -9.83 -27.23 -30.62
CA SER B 147 -10.17 -26.15 -31.59
CA SER B 147 -10.22 -26.15 -31.55
CA SER B 147 -10.27 -26.16 -31.52
C SER B 147 -9.55 -24.80 -31.23
C SER B 147 -9.55 -24.82 -31.22
C SER B 147 -9.56 -24.83 -31.21
N ILE B 148 -9.36 -24.55 -29.93
CA ILE B 148 -8.67 -23.31 -29.49
C ILE B 148 -7.20 -23.40 -29.86
N LYS B 149 -6.59 -24.56 -29.62
CA LYS B 149 -5.20 -24.80 -30.02
C LYS B 149 -5.02 -24.61 -31.51
N SER B 150 -5.93 -25.13 -32.32
N SER B 150 -5.93 -25.14 -32.31
CA SER B 150 -5.80 -25.00 -33.78
CA SER B 150 -5.87 -25.00 -33.76
C SER B 150 -5.98 -23.54 -34.24
C SER B 150 -5.93 -23.54 -34.16
N TYR B 151 -6.82 -22.79 -33.54
CA TYR B 151 -6.97 -21.35 -33.80
C TYR B 151 -5.66 -20.62 -33.48
N ALA B 152 -5.07 -20.92 -32.33
CA ALA B 152 -3.85 -20.26 -31.89
C ALA B 152 -2.71 -20.54 -32.88
N GLU B 153 -2.67 -21.74 -33.40
CA GLU B 153 -1.62 -22.11 -34.37
C GLU B 153 -1.80 -21.42 -35.75
N GLU B 154 -3.01 -20.97 -36.07
CA GLU B 154 -3.23 -20.15 -37.27
C GLU B 154 -2.81 -18.67 -37.05
N VAL B 155 -3.00 -18.15 -35.83
CA VAL B 155 -2.76 -16.72 -35.58
C VAL B 155 -1.33 -16.41 -35.12
N ILE B 156 -0.75 -17.29 -34.31
CA ILE B 156 0.59 -17.04 -33.78
C ILE B 156 1.64 -16.78 -34.87
N PRO B 157 1.67 -17.56 -35.96
CA PRO B 157 2.64 -17.28 -37.06
C PRO B 157 2.50 -15.89 -37.70
N VAL B 158 1.28 -15.36 -37.76
CA VAL B 158 1.06 -14.00 -38.24
C VAL B 158 1.78 -12.96 -37.38
N ILE B 159 1.67 -13.09 -36.06
CA ILE B 159 2.36 -12.19 -35.15
C ILE B 159 3.86 -12.39 -35.19
N ARG B 160 4.31 -13.64 -35.14
CA ARG B 160 5.72 -13.97 -34.97
C ARG B 160 6.55 -13.68 -36.22
N GLN B 161 5.90 -13.64 -37.38
CA GLN B 161 6.55 -13.22 -38.63
C GLN B 161 7.03 -11.76 -38.53
N ARG B 162 6.29 -10.95 -37.80
CA ARG B 162 6.57 -9.52 -37.67
C ARG B 162 7.24 -9.12 -36.36
N ASP B 163 7.01 -9.89 -35.30
CA ASP B 163 7.46 -9.57 -33.95
C ASP B 163 7.81 -10.87 -33.24
N PRO B 164 8.98 -11.44 -33.57
CA PRO B 164 9.33 -12.78 -33.09
C PRO B 164 9.49 -12.94 -31.58
N ASP B 165 9.83 -11.88 -30.85
CA ASP B 165 10.11 -11.98 -29.41
C ASP B 165 8.92 -11.64 -28.50
N SER B 166 7.74 -11.47 -29.09
CA SER B 166 6.49 -11.13 -28.38
C SER B 166 5.98 -12.27 -27.52
N VAL B 167 5.59 -11.99 -26.27
CA VAL B 167 4.81 -12.94 -25.46
C VAL B 167 3.35 -12.96 -25.90
N ILE B 168 2.81 -14.14 -26.15
CA ILE B 168 1.42 -14.29 -26.55
C ILE B 168 0.66 -15.03 -25.44
N ILE B 169 -0.52 -14.53 -25.12
CA ILE B 169 -1.42 -15.14 -24.15
C ILE B 169 -2.61 -15.76 -24.89
N VAL B 170 -2.85 -17.03 -24.61
CA VAL B 170 -3.90 -17.82 -25.25
C VAL B 170 -5.03 -18.09 -24.28
N GLY B 171 -6.25 -17.76 -24.68
CA GLY B 171 -7.43 -18.04 -23.88
C GLY B 171 -7.68 -19.53 -23.75
N THR B 172 -8.42 -19.92 -22.72
CA THR B 172 -8.67 -21.34 -22.46
C THR B 172 -10.15 -21.67 -22.47
N ARG B 173 -10.43 -22.96 -22.41
N ARG B 173 -10.45 -22.97 -22.42
CA ARG B 173 -11.80 -23.49 -22.41
CA ARG B 173 -11.84 -23.47 -22.45
C ARG B 173 -12.72 -22.91 -21.32
C ARG B 173 -12.71 -22.89 -21.33
N GLY B 174 -13.99 -22.71 -21.65
CA GLY B 174 -14.97 -22.33 -20.65
C GLY B 174 -14.77 -20.94 -20.08
N TRP B 175 -14.77 -19.95 -20.95
CA TRP B 175 -14.56 -18.56 -20.57
C TRP B 175 -13.23 -18.40 -19.85
N SER B 176 -12.20 -19.01 -20.44
CA SER B 176 -10.85 -19.01 -19.88
C SER B 176 -10.81 -19.43 -18.41
N SER B 177 -11.54 -20.48 -18.07
CA SER B 177 -11.49 -21.05 -16.71
C SER B 177 -10.56 -22.27 -16.64
N LEU B 178 -9.65 -22.38 -17.60
CA LEU B 178 -8.80 -23.56 -17.75
C LEU B 178 -9.63 -24.85 -17.80
N GLY B 179 -10.84 -24.74 -18.35
CA GLY B 179 -11.73 -25.87 -18.52
C GLY B 179 -12.63 -26.14 -17.33
N VAL B 180 -12.41 -25.47 -16.20
CA VAL B 180 -13.08 -25.84 -14.95
C VAL B 180 -14.60 -25.70 -15.09
N SER B 181 -15.06 -24.65 -15.75
N SER B 181 -15.05 -24.66 -15.77
CA SER B 181 -16.49 -24.39 -15.89
CA SER B 181 -16.47 -24.37 -15.93
C SER B 181 -17.19 -25.40 -16.82
C SER B 181 -17.18 -25.28 -16.93
N GLU B 182 -16.42 -26.11 -17.64
CA GLU B 182 -16.98 -27.09 -18.59
C GLU B 182 -16.71 -28.56 -18.19
N GLY B 183 -16.38 -28.80 -16.92
CA GLY B 183 -16.12 -30.14 -16.41
C GLY B 183 -14.72 -30.70 -16.57
N SER B 184 -13.75 -29.85 -16.90
CA SER B 184 -12.38 -30.26 -17.16
C SER B 184 -11.39 -29.50 -16.28
N GLY B 185 -10.17 -29.31 -16.77
CA GLY B 185 -9.12 -28.69 -15.96
C GLY B 185 -7.84 -28.47 -16.75
N PRO B 186 -6.82 -27.90 -16.11
CA PRO B 186 -5.56 -27.61 -16.79
C PRO B 186 -4.80 -28.82 -17.33
N ALA B 187 -5.09 -30.03 -16.83
CA ALA B 187 -4.41 -31.23 -17.32
C ALA B 187 -4.60 -31.43 -18.81
N GLU B 188 -5.73 -30.94 -19.31
CA GLU B 188 -6.06 -31.03 -20.73
C GLU B 188 -5.11 -30.21 -21.58
N ILE B 189 -4.72 -29.03 -21.10
CA ILE B 189 -3.78 -28.18 -21.80
C ILE B 189 -2.38 -28.79 -21.78
N ALA B 190 -1.96 -29.29 -20.62
CA ALA B 190 -0.62 -29.86 -20.46
C ALA B 190 -0.43 -31.07 -21.36
N ALA B 191 -1.51 -31.80 -21.61
CA ALA B 191 -1.47 -32.98 -22.48
C ALA B 191 -1.47 -32.65 -23.99
N ASN B 192 -1.91 -31.43 -24.35
CA ASN B 192 -1.95 -31.02 -25.75
C ASN B 192 -1.68 -29.51 -25.90
N PRO B 193 -0.48 -29.08 -25.52
CA PRO B 193 -0.19 -27.65 -25.46
C PRO B 193 -0.06 -27.02 -26.85
N VAL B 194 -0.18 -25.71 -26.87
CA VAL B 194 0.13 -24.94 -28.07
C VAL B 194 1.61 -25.15 -28.39
N ASN B 195 1.94 -25.52 -29.62
CA ASN B 195 3.35 -25.74 -30.00
C ASN B 195 4.00 -24.45 -30.48
N ALA B 196 4.22 -23.59 -29.52
CA ALA B 196 5.02 -22.38 -29.68
C ALA B 196 5.61 -22.14 -28.32
N SER B 197 6.67 -21.34 -28.33
N SER B 197 6.68 -21.39 -28.25
CA SER B 197 7.40 -20.87 -27.14
CA SER B 197 7.24 -21.01 -26.97
C SER B 197 6.89 -19.52 -26.72
C SER B 197 7.00 -19.52 -26.74
N ASN B 198 7.31 -19.06 -25.55
CA ASN B 198 6.97 -17.72 -25.11
C ASN B 198 5.44 -17.52 -25.10
N ILE B 199 4.73 -18.55 -24.67
CA ILE B 199 3.27 -18.56 -24.59
C ILE B 199 2.86 -18.65 -23.12
N MET B 200 1.85 -17.88 -22.76
CA MET B 200 1.14 -18.03 -21.48
C MET B 200 -0.33 -18.37 -21.74
N TYR B 201 -0.99 -18.95 -20.74
CA TYR B 201 -2.39 -19.34 -20.84
C TYR B 201 -3.20 -18.49 -19.87
N ALA B 202 -4.38 -18.04 -20.32
CA ALA B 202 -5.22 -17.15 -19.53
C ALA B 202 -6.11 -17.90 -18.54
N PHE B 203 -6.29 -17.31 -17.36
CA PHE B 203 -7.28 -17.77 -16.39
C PHE B 203 -8.09 -16.56 -15.91
N HIS B 204 -9.41 -16.72 -15.87
CA HIS B 204 -10.33 -15.70 -15.39
C HIS B 204 -11.17 -16.26 -14.25
N PHE B 205 -11.33 -15.48 -13.19
CA PHE B 205 -12.18 -15.85 -12.06
C PHE B 205 -12.90 -14.63 -11.50
N TYR B 206 -14.00 -14.90 -10.79
CA TYR B 206 -14.78 -13.90 -10.07
C TYR B 206 -15.01 -14.48 -8.69
N ALA B 207 -14.38 -13.87 -7.68
CA ALA B 207 -14.19 -14.48 -6.38
C ALA B 207 -15.49 -14.82 -5.63
N ALA B 208 -16.54 -14.02 -5.82
CA ALA B 208 -17.81 -14.30 -5.14
C ALA B 208 -18.53 -15.54 -5.69
N SER B 209 -18.18 -15.97 -6.90
CA SER B 209 -18.79 -17.15 -7.54
C SER B 209 -17.85 -18.35 -7.64
N HIS B 210 -16.54 -18.10 -7.69
CA HIS B 210 -15.55 -19.11 -8.04
C HIS B 210 -14.68 -19.41 -6.81
N ARG B 211 -14.89 -20.58 -6.20
CA ARG B 211 -14.36 -20.90 -4.88
C ARG B 211 -13.15 -21.85 -4.98
N ASP B 212 -13.04 -22.81 -4.05
CA ASP B 212 -11.84 -23.64 -3.92
C ASP B 212 -11.46 -24.41 -5.18
N ASN B 213 -12.43 -24.96 -5.90
CA ASN B 213 -12.14 -25.70 -7.13
C ASN B 213 -11.43 -24.86 -8.21
N TYR B 214 -11.78 -23.58 -8.30
CA TYR B 214 -11.11 -22.65 -9.22
C TYR B 214 -9.73 -22.24 -8.69
N LEU B 215 -9.65 -21.92 -7.41
CA LEU B 215 -8.37 -21.58 -6.77
C LEU B 215 -7.35 -22.72 -6.89
N ASN B 216 -7.82 -23.95 -6.68
CA ASN B 216 -6.95 -25.12 -6.77
C ASN B 216 -6.50 -25.38 -8.21
N ALA B 217 -7.36 -25.08 -9.18
CA ALA B 217 -7.01 -25.25 -10.58
C ALA B 217 -5.94 -24.23 -10.99
N LEU B 218 -6.01 -23.04 -10.43
CA LEU B 218 -5.03 -21.99 -10.72
C LEU B 218 -3.64 -22.42 -10.23
N ARG B 219 -3.56 -22.97 -9.02
N ARG B 219 -3.58 -22.97 -9.01
CA ARG B 219 -2.27 -23.42 -8.52
CA ARG B 219 -2.33 -23.46 -8.45
C ARG B 219 -1.72 -24.58 -9.34
C ARG B 219 -1.74 -24.57 -9.31
N GLU B 220 -2.57 -25.56 -9.64
CA GLU B 220 -2.18 -26.72 -10.43
C GLU B 220 -1.61 -26.29 -11.79
N ALA B 221 -2.34 -25.42 -12.48
CA ALA B 221 -1.89 -24.89 -13.78
C ALA B 221 -0.53 -24.21 -13.70
N SER B 222 -0.30 -23.42 -12.66
CA SER B 222 0.93 -22.64 -12.52
C SER B 222 2.18 -23.52 -12.41
N GLU B 223 2.02 -24.77 -11.96
CA GLU B 223 3.13 -25.72 -11.92
C GLU B 223 3.36 -26.49 -13.24
N LEU B 224 2.42 -26.38 -14.17
CA LEU B 224 2.47 -27.09 -15.47
C LEU B 224 2.83 -26.20 -16.64
N PHE B 225 2.50 -24.91 -16.56
CA PHE B 225 2.72 -23.97 -17.66
C PHE B 225 2.52 -22.53 -17.20
N PRO B 226 2.97 -21.54 -17.98
CA PRO B 226 2.83 -20.14 -17.56
C PRO B 226 1.40 -19.68 -17.61
N VAL B 227 0.94 -19.03 -16.56
CA VAL B 227 -0.42 -18.53 -16.47
C VAL B 227 -0.42 -17.02 -16.20
N PHE B 228 -1.33 -16.31 -16.86
CA PHE B 228 -1.62 -14.91 -16.54
C PHE B 228 -3.10 -14.74 -16.33
N VAL B 229 -3.48 -14.08 -15.25
CA VAL B 229 -4.88 -13.81 -14.97
C VAL B 229 -5.25 -12.50 -15.65
N THR B 230 -5.70 -12.58 -16.90
CA THR B 230 -5.97 -11.36 -17.68
C THR B 230 -7.26 -10.67 -17.28
N GLN B 231 -8.12 -11.34 -16.53
CA GLN B 231 -9.38 -10.75 -16.11
C GLN B 231 -9.85 -11.41 -14.83
N PHE B 232 -10.07 -10.60 -13.80
CA PHE B 232 -10.70 -11.14 -12.59
C PHE B 232 -11.48 -10.06 -11.86
N GLY B 233 -12.40 -10.50 -11.02
CA GLY B 233 -13.20 -9.61 -10.21
C GLY B 233 -13.36 -10.17 -8.82
N THR B 234 -13.82 -9.31 -7.91
CA THR B 234 -14.06 -9.68 -6.52
C THR B 234 -15.55 -10.00 -6.29
N GLU B 235 -16.37 -9.81 -7.32
CA GLU B 235 -17.81 -9.99 -7.20
C GLU B 235 -18.23 -11.25 -7.98
N THR B 236 -19.48 -11.33 -8.41
CA THR B 236 -19.98 -12.54 -9.05
C THR B 236 -19.58 -12.61 -10.53
N TYR B 237 -19.90 -13.74 -11.16
CA TYR B 237 -19.60 -14.00 -12.58
C TYR B 237 -20.24 -13.03 -13.58
N THR B 238 -21.19 -12.21 -13.14
CA THR B 238 -21.80 -11.17 -13.98
C THR B 238 -20.99 -9.87 -14.03
N GLY B 239 -20.02 -9.73 -13.14
CA GLY B 239 -19.28 -8.48 -13.00
C GLY B 239 -19.96 -7.51 -12.04
N ASP B 240 -21.06 -7.96 -11.42
CA ASP B 240 -21.84 -7.16 -10.48
C ASP B 240 -22.16 -8.01 -9.23
N GLY B 241 -22.76 -7.39 -8.24
CA GLY B 241 -23.10 -8.08 -7.00
C GLY B 241 -22.17 -7.71 -5.86
N ALA B 242 -22.34 -8.38 -4.73
CA ALA B 242 -21.57 -8.09 -3.54
C ALA B 242 -20.16 -8.63 -3.70
N ASN B 243 -19.21 -7.91 -3.11
CA ASN B 243 -17.82 -8.33 -3.11
C ASN B 243 -17.54 -9.41 -2.08
N ASP B 244 -16.64 -10.32 -2.42
CA ASP B 244 -16.10 -11.26 -1.44
C ASP B 244 -14.59 -11.07 -1.35
N PHE B 245 -14.18 -10.06 -0.62
CA PHE B 245 -12.77 -9.71 -0.47
C PHE B 245 -11.94 -10.78 0.25
N GLN B 246 -12.57 -11.54 1.14
CA GLN B 246 -11.85 -12.60 1.84
C GLN B 246 -11.44 -13.69 0.86
N MET B 247 -12.35 -14.11 -0.03
CA MET B 247 -11.99 -15.10 -1.05
C MET B 247 -10.97 -14.51 -2.03
N ALA B 248 -11.20 -13.28 -2.45
CA ALA B 248 -10.27 -12.59 -3.36
C ALA B 248 -8.87 -12.53 -2.78
N ASP B 249 -8.75 -12.31 -1.47
CA ASP B 249 -7.46 -12.23 -0.80
C ASP B 249 -6.72 -13.57 -0.84
N ARG B 250 -7.45 -14.68 -0.84
CA ARG B 250 -6.79 -15.98 -1.03
C ARG B 250 -6.19 -16.13 -2.45
N TYR B 251 -6.89 -15.64 -3.47
CA TYR B 251 -6.34 -15.65 -4.84
C TYR B 251 -5.11 -14.73 -4.92
N ILE B 252 -5.20 -13.55 -4.31
CA ILE B 252 -4.09 -12.61 -4.29
C ILE B 252 -2.87 -13.25 -3.64
N ASP B 253 -3.06 -13.98 -2.54
CA ASP B 253 -1.95 -14.63 -1.84
C ASP B 253 -1.33 -15.74 -2.69
N LEU B 254 -2.16 -16.54 -3.36
CA LEU B 254 -1.66 -17.58 -4.24
C LEU B 254 -0.83 -16.95 -5.35
N MET B 255 -1.37 -15.90 -5.97
CA MET B 255 -0.75 -15.27 -7.11
C MET B 255 0.58 -14.62 -6.72
N ALA B 256 0.63 -14.02 -5.54
CA ALA B 256 1.87 -13.44 -5.02
C ALA B 256 2.94 -14.53 -4.82
N GLU B 257 2.52 -15.69 -4.31
CA GLU B 257 3.42 -16.80 -4.02
C GLU B 257 4.04 -17.43 -5.28
N ARG B 258 3.26 -17.51 -6.37
CA ARG B 258 3.69 -18.13 -7.62
C ARG B 258 4.07 -17.09 -8.69
N LYS B 259 4.07 -15.82 -8.28
CA LYS B 259 4.34 -14.68 -9.15
C LYS B 259 3.51 -14.69 -10.43
N ILE B 260 2.22 -14.99 -10.29
CA ILE B 260 1.28 -14.95 -11.39
C ILE B 260 0.76 -13.51 -11.52
N GLY B 261 0.98 -12.93 -12.69
CA GLY B 261 0.50 -11.60 -12.99
C GLY B 261 -1.01 -11.52 -13.16
N TRP B 262 -1.55 -10.33 -12.97
CA TRP B 262 -2.98 -10.15 -13.07
C TRP B 262 -3.41 -8.74 -13.47
N THR B 263 -4.56 -8.66 -14.14
CA THR B 263 -5.21 -7.40 -14.47
C THR B 263 -6.67 -7.48 -14.06
N LYS B 264 -7.09 -6.60 -13.16
CA LYS B 264 -8.44 -6.60 -12.64
C LYS B 264 -9.47 -5.94 -13.58
N TRP B 265 -10.64 -6.55 -13.65
CA TRP B 265 -11.77 -6.05 -14.42
C TRP B 265 -12.61 -5.19 -13.49
N ASN B 266 -12.70 -3.88 -13.68
CA ASN B 266 -12.11 -3.09 -14.76
C ASN B 266 -11.95 -1.60 -14.39
N TYR B 267 -11.21 -0.88 -15.25
CA TYR B 267 -10.86 0.53 -15.05
C TYR B 267 -11.83 1.38 -15.83
N SER B 268 -13.05 1.48 -15.32
CA SER B 268 -14.08 2.33 -15.91
C SER B 268 -15.05 2.82 -14.84
N ASP B 269 -16.02 3.62 -15.27
CA ASP B 269 -17.09 4.08 -14.38
C ASP B 269 -18.47 3.48 -14.76
N ASP B 270 -18.45 2.23 -15.21
CA ASP B 270 -19.66 1.47 -15.48
C ASP B 270 -20.41 1.33 -14.14
N PHE B 271 -21.72 1.13 -14.20
CA PHE B 271 -22.55 1.05 -12.99
C PHE B 271 -22.30 -0.23 -12.19
N ARG B 272 -21.72 -1.24 -12.83
CA ARG B 272 -21.47 -2.50 -12.13
C ARG B 272 -20.39 -2.39 -11.06
N SER B 273 -20.48 -3.27 -10.05
CA SER B 273 -19.63 -3.15 -8.86
C SER B 273 -18.14 -3.39 -9.12
N GLY B 274 -17.83 -4.13 -10.18
CA GLY B 274 -16.47 -4.41 -10.58
C GLY B 274 -15.73 -3.26 -11.26
N ALA B 275 -16.48 -2.29 -11.80
CA ALA B 275 -15.86 -1.09 -12.31
C ALA B 275 -15.41 -0.25 -11.12
N VAL B 276 -14.15 0.16 -11.14
CA VAL B 276 -13.54 0.75 -9.95
C VAL B 276 -14.04 2.17 -9.62
N PHE B 277 -14.63 2.89 -10.58
CA PHE B 277 -15.03 4.27 -10.39
C PHE B 277 -16.54 4.43 -10.30
N GLN B 278 -16.99 5.41 -9.54
CA GLN B 278 -18.42 5.69 -9.42
C GLN B 278 -18.92 6.27 -10.74
N PRO B 279 -20.11 5.89 -11.17
CA PRO B 279 -20.72 6.49 -12.36
C PRO B 279 -20.60 8.01 -12.39
N GLY B 280 -20.13 8.54 -13.51
CA GLY B 280 -19.98 9.97 -13.69
C GLY B 280 -18.56 10.46 -13.53
N THR B 281 -17.68 9.62 -12.98
CA THR B 281 -16.31 10.00 -12.71
C THR B 281 -15.54 10.37 -13.96
N CYS B 282 -15.69 9.58 -15.02
CA CYS B 282 -14.93 9.79 -16.25
C CYS B 282 -15.32 11.12 -16.91
N ALA B 283 -16.62 11.41 -16.93
CA ALA B 283 -17.15 12.67 -17.47
C ALA B 283 -16.72 13.86 -16.65
N SER B 284 -16.46 13.64 -15.36
CA SER B 284 -16.04 14.71 -14.45
C SER B 284 -14.55 14.99 -14.53
N GLY B 285 -13.79 14.12 -15.19
CA GLY B 285 -12.35 14.28 -15.30
C GLY B 285 -11.63 13.82 -14.05
N GLY B 286 -12.29 12.96 -13.28
CA GLY B 286 -11.75 12.47 -12.01
C GLY B 286 -12.47 13.06 -10.81
N PRO B 287 -11.84 13.03 -9.64
CA PRO B 287 -10.51 12.43 -9.43
C PRO B 287 -10.51 10.91 -9.54
N TRP B 288 -9.32 10.33 -9.58
CA TRP B 288 -9.17 8.90 -9.84
C TRP B 288 -8.78 8.15 -8.57
N SER B 289 -9.20 8.70 -7.43
CA SER B 289 -9.01 8.09 -6.11
C SER B 289 -10.06 8.67 -5.16
N GLY B 290 -9.96 8.35 -3.87
CA GLY B 290 -10.83 8.95 -2.87
C GLY B 290 -12.28 8.49 -3.00
N SER B 291 -13.23 9.44 -2.88
CA SER B 291 -14.66 9.12 -2.95
C SER B 291 -15.16 8.76 -4.37
N SER B 292 -14.28 8.86 -5.37
CA SER B 292 -14.60 8.42 -6.72
C SER B 292 -14.49 6.90 -6.89
N LEU B 293 -13.95 6.19 -5.90
CA LEU B 293 -13.75 4.75 -5.99
C LEU B 293 -14.94 4.02 -5.39
N LYS B 294 -15.35 2.94 -6.06
CA LYS B 294 -16.23 1.94 -5.45
C LYS B 294 -15.40 1.11 -4.49
N ALA B 295 -16.04 0.20 -3.74
CA ALA B 295 -15.34 -0.65 -2.78
C ALA B 295 -14.25 -1.49 -3.47
N SER B 296 -14.57 -2.04 -4.64
CA SER B 296 -13.62 -2.83 -5.43
C SER B 296 -12.42 -2.00 -5.85
N GLY B 297 -12.66 -0.72 -6.14
CA GLY B 297 -11.62 0.24 -6.48
C GLY B 297 -10.64 0.51 -5.35
N GLN B 298 -11.17 0.81 -4.16
N GLN B 298 -11.18 0.80 -4.17
CA GLN B 298 -10.36 0.99 -2.95
CA GLN B 298 -10.40 1.00 -2.95
C GLN B 298 -9.47 -0.23 -2.73
C GLN B 298 -9.52 -0.22 -2.66
N TRP B 299 -10.08 -1.41 -2.86
CA TRP B 299 -9.41 -2.67 -2.57
C TRP B 299 -8.22 -2.92 -3.50
N VAL B 300 -8.45 -2.79 -4.80
CA VAL B 300 -7.39 -3.09 -5.78
C VAL B 300 -6.30 -2.02 -5.78
N ARG B 301 -6.69 -0.76 -5.61
CA ARG B 301 -5.73 0.31 -5.52
C ARG B 301 -4.79 0.06 -4.35
N SER B 302 -5.34 -0.37 -3.21
CA SER B 302 -4.53 -0.67 -2.03
C SER B 302 -3.60 -1.85 -2.27
N LYS B 303 -4.07 -2.88 -2.98
CA LYS B 303 -3.22 -4.01 -3.32
C LYS B 303 -2.05 -3.57 -4.20
N LEU B 304 -2.33 -2.73 -5.18
CA LEU B 304 -1.33 -2.30 -6.17
C LEU B 304 -0.30 -1.36 -5.56
N GLN B 305 -0.67 -0.66 -4.50
CA GLN B 305 0.21 0.36 -3.91
C GLN B 305 1.26 -0.24 -2.97
N SER B 306 1.09 -1.52 -2.63
CA SER B 306 2.09 -2.24 -1.85
C SER B 306 2.30 -3.64 -2.42
C2 BGC C . -19.40 -21.42 -13.91
C3 BGC C . -19.79 -20.05 -14.49
C4 BGC C . -20.37 -20.17 -15.89
C5 BGC C . -21.38 -21.32 -15.98
C6 BGC C . -21.90 -21.52 -17.39
C1 BGC C . -20.45 -22.49 -14.18
O1 BGC C . -19.92 -23.75 -13.81
O2 BGC C . -19.20 -21.30 -12.51
O3 BGC C . -18.65 -19.23 -14.56
O4 BGC C . -21.03 -18.96 -16.23
O5 BGC C . -20.78 -22.52 -15.55
O6 BGC C . -22.77 -20.46 -17.71
C2 BGC C . -21.20 -17.05 -17.69
C3 BGC C . -20.46 -15.98 -18.50
C4 BGC C . -19.33 -15.38 -17.71
C5 BGC C . -18.47 -16.46 -17.07
C6 BGC C . -17.40 -15.83 -16.18
C1 BGC C . -20.24 -18.04 -17.03
O2 BGC C . -22.10 -17.74 -18.52
O3 BGC C . -21.38 -14.96 -18.83
O4 BGC C . -18.49 -14.60 -18.56
O5 BGC C . -19.28 -17.33 -16.28
O6 BGC C . -16.72 -16.81 -15.44
C2 BGC C . -17.20 -12.56 -18.79
C3 BGC C . -17.21 -11.03 -18.82
C4 BGC C . -18.57 -10.39 -19.05
C5 BGC C . -19.70 -11.20 -18.39
C6 BGC C . -21.13 -10.78 -18.73
C1 BGC C . -18.47 -13.20 -18.23
O2 BGC C . -16.08 -12.98 -18.05
O3 BGC C . -16.31 -10.60 -19.83
O4 BGC C . -18.44 -9.06 -18.57
O5 BGC C . -19.59 -12.55 -18.78
O6 BGC C . -22.01 -11.89 -18.65
C2 BGC C . -19.25 -6.72 -18.71
C3 BGC C . -20.54 -5.97 -19.04
C4 BGC C . -21.05 -6.28 -20.44
C5 BGC C . -21.08 -7.79 -20.69
C6 BGC C . -21.46 -8.16 -22.13
C1 BGC C . -19.51 -8.19 -19.01
O2 BGC C . -18.93 -6.50 -17.35
O3 BGC C . -20.39 -4.58 -18.85
O4 BGC C . -22.38 -5.82 -20.54
O5 BGC C . -19.80 -8.31 -20.39
O6 BGC C . -20.43 -7.79 -23.01
C2 BGC C . -23.92 -4.57 -21.88
C3 BGC C . -24.09 -3.35 -22.77
C4 BGC C . -23.71 -2.10 -21.97
C5 BGC C . -22.32 -2.25 -21.37
C6 BGC C . -21.99 -1.07 -20.45
C1 BGC C . -22.50 -4.62 -21.35
O2 BGC C . -24.19 -5.74 -22.62
O3 BGC C . -25.44 -3.28 -23.16
O4 BGC C . -23.71 -0.98 -22.83
O5 BGC C . -22.23 -3.45 -20.61
O6 BGC C . -22.90 -1.02 -19.37
O1 PG4 D . 12.24 -0.81 12.83
C1 PG4 D . 11.44 -1.94 13.11
C2 PG4 D . 11.98 -2.66 14.34
O2 PG4 D . 11.48 -4.01 14.43
C3 PG4 D . 12.42 -5.04 14.07
C4 PG4 D . 12.57 -6.06 15.20
O3 PG4 D . 13.92 -6.08 15.67
C5 PG4 D . 14.31 -7.29 16.33
C6 PG4 D . 15.32 -6.98 17.45
O4 PG4 D . 16.47 -7.81 17.31
C7 PG4 D . 17.64 -7.31 17.97
C8 PG4 D . 18.50 -8.48 18.44
O5 PG4 D . 19.31 -8.97 17.38
C1 BEN E . -11.48 19.28 28.57
C1 BEN E . -14.39 18.50 25.83
C2 BEN E . -11.11 20.18 27.57
C2 BEN E . -14.17 18.33 27.19
C3 BEN E . -12.10 20.86 26.86
C3 BEN E . -13.55 19.33 27.92
C4 BEN E . -13.44 20.62 27.12
C4 BEN E . -13.13 20.51 27.31
C5 BEN E . -13.80 19.70 28.11
C5 BEN E . -13.33 20.67 25.95
C6 BEN E . -12.83 19.03 28.82
C6 BEN E . -13.96 19.68 25.22
C BEN E . -10.50 18.57 29.28
C BEN E . -15.00 17.47 25.06
N1 BEN E . -9.65 19.18 30.09
N1 BEN E . -15.51 16.38 25.61
N2 BEN E . -10.39 17.26 29.11
N2 BEN E . -15.06 17.54 23.75
ZN ZN F . 23.85 13.25 33.60
ZN ZN G . -1.62 16.24 35.81
C1 BEN H . 9.60 -23.40 -27.94
C1 BEN H . 11.11 -19.53 -28.60
C2 BEN H . 10.56 -22.86 -28.81
C2 BEN H . 11.46 -19.87 -27.30
C3 BEN H . 11.56 -22.03 -28.32
C3 BEN H . 11.95 -21.13 -27.01
C4 BEN H . 11.62 -21.70 -26.97
C4 BEN H . 12.10 -22.07 -28.03
C5 BEN H . 10.66 -22.23 -26.09
C5 BEN H . 11.75 -21.74 -29.34
C6 BEN H . 9.66 -23.07 -26.58
C6 BEN H . 11.25 -20.48 -29.62
C BEN H . 8.59 -24.25 -28.41
C BEN H . 10.59 -18.26 -28.91
N1 BEN H . 8.07 -25.18 -27.63
N1 BEN H . 9.38 -18.15 -29.43
N2 BEN H . 8.12 -24.18 -29.64
N2 BEN H . 11.30 -17.16 -28.71
ZN ZN I . 0.10 13.28 -18.47
ZN ZN J . 18.72 -5.09 -18.18
ZN ZN K . 9.55 -7.26 -30.37
NA NA L . -20.60 -10.30 -36.57
#